data_6YU5
#
_entry.id   6YU5
#
_cell.length_a   44.160
_cell.length_b   216.030
_cell.length_c   50.360
_cell.angle_alpha   90.000
_cell.angle_beta   90.020
_cell.angle_gamma   90.000
#
_symmetry.space_group_name_H-M   'P 1 21 1'
#
loop_
_entity.id
_entity.type
_entity.pdbx_description
1 polymer 'Sodium-dependent transporter'
2 non-polymer VALINE
3 non-polymer 'SODIUM ION'
4 non-polymer 'nonyl beta-D-glucopyranoside'
5 non-polymer DODECYL-BETA-D-MALTOSIDE
6 water water
#
_entity_poly.entity_id   1
_entity_poly.type   'polypeptide(L)'
_entity_poly.pdbx_seq_one_letter_code
;SMASLKQQTGREQWASRLGFILAAMGSAVGLGNIWRFSYVTGENGGAAFLLVYLGFIALIGIPIVLAEFTIGRRAQSDAV
GSFEKLAPGKPWKVAGLMGVAAGFLILSFYGVIAGWILFYLFNYITGQLWSAPAEGFGGFFEGFIANPTLPLFWQALFMI
ATIWIVAIGVKKGIERSNKILMPLLGVLLIALAIYSLTLGGAKEGLAFLFSPDWSALKDPGVYLAAISQAFFTLSLGMGA
LITYGSYVSKDSRLPGAAVSVAGLDTAFAIIAGIMIFPAVFALGLSPSGGPGLVFVVLPDIFDSIRLGPIVGIAFFILLG
AAALSSAVSLLEVPVAYFMRKFDWSRKQAAITLGVIITLLGIPSSLSFGVLGEVTIIPGLNIFDSVDFIASSVFLPLGGM
IIALFIGWGWKTSDALAESDLTDSVWGKLWILSLRFIAPIAILIVFLSAFQIFFN
;
_entity_poly.pdbx_strand_id   A,B
#
loop_
_chem_comp.id
_chem_comp.type
_chem_comp.name
_chem_comp.formula
BNG D-saccharide 'nonyl beta-D-glucopyranoside' 'C15 H30 O6'
LMT D-saccharide DODECYL-BETA-D-MALTOSIDE 'C24 H46 O11'
NA non-polymer 'SODIUM ION' 'Na 1'
#
# COMPACT_ATOMS: atom_id res chain seq x y z
N GLY A 10 -42.76 4.28 -9.79
CA GLY A 10 -43.04 4.58 -8.39
C GLY A 10 -42.79 3.42 -7.46
N ARG A 11 -41.54 3.30 -6.98
CA ARG A 11 -41.12 2.19 -6.15
C ARG A 11 -40.93 2.63 -4.70
N GLU A 12 -40.32 1.76 -3.90
CA GLU A 12 -40.35 1.87 -2.46
C GLU A 12 -39.21 2.73 -1.92
N GLN A 13 -39.38 3.21 -0.69
CA GLN A 13 -38.35 3.90 0.07
C GLN A 13 -38.60 3.64 1.54
N TRP A 14 -37.55 3.78 2.35
CA TRP A 14 -37.71 3.66 3.79
C TRP A 14 -38.63 4.77 4.30
N ALA A 15 -39.70 4.38 4.99
CA ALA A 15 -40.66 5.35 5.49
C ALA A 15 -40.06 6.21 6.60
N SER A 16 -39.69 5.58 7.71
CA SER A 16 -39.02 6.29 8.78
C SER A 16 -37.62 6.73 8.33
N ARG A 17 -37.09 7.74 9.04
CA ARG A 17 -35.74 8.21 8.73
C ARG A 17 -34.70 7.14 9.04
N LEU A 18 -34.59 6.74 10.31
CA LEU A 18 -33.58 5.78 10.72
C LEU A 18 -33.95 4.34 10.42
N GLY A 19 -34.99 4.09 9.63
CA GLY A 19 -35.28 2.73 9.20
C GLY A 19 -34.19 2.11 8.36
N PHE A 20 -33.34 2.94 7.74
CA PHE A 20 -32.25 2.43 6.92
C PHE A 20 -31.14 1.84 7.77
N ILE A 21 -30.61 2.62 8.71
CA ILE A 21 -29.52 2.14 9.56
C ILE A 21 -29.95 0.91 10.35
N LEU A 22 -31.23 0.84 10.72
CA LEU A 22 -31.72 -0.33 11.44
C LEU A 22 -31.77 -1.55 10.54
N ALA A 23 -32.30 -1.38 9.32
CA ALA A 23 -32.40 -2.52 8.40
C ALA A 23 -31.02 -2.98 7.95
N ALA A 24 -30.10 -2.05 7.74
CA ALA A 24 -28.74 -2.43 7.34
C ALA A 24 -28.03 -3.15 8.48
N MET A 25 -28.22 -2.69 9.71
CA MET A 25 -27.67 -3.40 10.86
C MET A 25 -28.36 -4.73 11.08
N GLY A 26 -29.66 -4.81 10.79
CA GLY A 26 -30.35 -6.09 10.88
C GLY A 26 -29.83 -7.09 9.86
N SER A 27 -29.44 -6.62 8.68
CA SER A 27 -28.88 -7.50 7.66
C SER A 27 -27.52 -8.03 8.09
N ALA A 28 -26.67 -7.15 8.62
CA ALA A 28 -25.30 -7.53 8.92
C ALA A 28 -25.24 -8.53 10.08
N VAL A 29 -26.01 -8.30 11.13
CA VAL A 29 -25.95 -9.11 12.35
C VAL A 29 -26.86 -10.32 12.18
N GLY A 30 -26.28 -11.51 12.32
CA GLY A 30 -27.03 -12.75 12.20
C GLY A 30 -26.19 -13.97 12.56
N LEU A 31 -26.33 -15.03 11.76
CA LEU A 31 -25.60 -16.26 12.05
C LEU A 31 -24.11 -16.11 11.79
N GLY A 32 -23.73 -15.19 10.90
CA GLY A 32 -22.32 -15.00 10.58
C GLY A 32 -21.50 -14.55 11.78
N ASN A 33 -22.14 -13.92 12.77
CA ASN A 33 -21.41 -13.35 13.88
C ASN A 33 -21.07 -14.38 14.95
N ILE A 34 -21.96 -15.34 15.19
CA ILE A 34 -21.80 -16.31 16.25
C ILE A 34 -21.48 -17.69 15.71
N TRP A 35 -22.23 -18.15 14.71
CA TRP A 35 -22.00 -19.49 14.16
C TRP A 35 -20.75 -19.51 13.29
N ARG A 36 -20.75 -18.76 12.20
CA ARG A 36 -19.66 -18.83 11.23
C ARG A 36 -18.39 -18.21 11.78
N PHE A 37 -18.51 -17.11 12.52
CA PHE A 37 -17.32 -16.48 13.07
C PHE A 37 -16.58 -17.40 14.05
N SER A 38 -17.31 -18.25 14.76
CA SER A 38 -16.67 -19.03 15.81
C SER A 38 -15.88 -20.20 15.23
N TYR A 39 -16.43 -20.91 14.25
CA TYR A 39 -15.71 -22.06 13.73
C TYR A 39 -14.66 -21.67 12.69
N VAL A 40 -14.88 -20.58 11.95
CA VAL A 40 -13.84 -20.09 11.05
C VAL A 40 -12.66 -19.55 11.85
N THR A 41 -12.91 -18.93 13.00
CA THR A 41 -11.83 -18.54 13.88
C THR A 41 -11.15 -19.76 14.49
N GLY A 42 -11.95 -20.74 14.93
CA GLY A 42 -11.39 -21.89 15.61
C GLY A 42 -10.50 -22.74 14.73
N GLU A 43 -10.81 -22.83 13.44
CA GLU A 43 -10.03 -23.61 12.50
C GLU A 43 -9.00 -22.77 11.75
N ASN A 44 -8.70 -21.57 12.26
CA ASN A 44 -7.67 -20.72 11.68
C ASN A 44 -6.69 -20.20 12.72
N GLY A 45 -6.71 -20.74 13.93
CA GLY A 45 -5.73 -20.42 14.95
C GLY A 45 -6.17 -19.42 15.99
N GLY A 46 -7.19 -18.63 15.70
CA GLY A 46 -7.67 -17.65 16.65
C GLY A 46 -7.14 -16.24 16.44
N ALA A 47 -6.14 -15.86 17.24
CA ALA A 47 -5.79 -14.44 17.36
C ALA A 47 -5.17 -13.90 16.08
N ALA A 48 -4.25 -14.67 15.47
CA ALA A 48 -3.59 -14.22 14.25
C ALA A 48 -4.61 -14.00 13.14
N PHE A 49 -5.49 -14.97 12.93
CA PHE A 49 -6.63 -14.77 12.03
C PHE A 49 -7.51 -13.61 12.48
N LEU A 50 -7.59 -13.38 13.80
CA LEU A 50 -8.43 -12.30 14.31
C LEU A 50 -7.84 -10.94 13.95
N LEU A 51 -6.52 -10.76 14.10
CA LEU A 51 -5.91 -9.50 13.74
C LEU A 51 -6.02 -9.23 12.24
N VAL A 52 -5.95 -10.28 11.41
CA VAL A 52 -6.10 -10.10 9.98
C VAL A 52 -7.55 -9.77 9.63
N TYR A 53 -8.50 -10.47 10.25
CA TYR A 53 -9.92 -10.23 9.98
C TYR A 53 -10.31 -8.82 10.40
N LEU A 54 -9.74 -8.32 11.50
CA LEU A 54 -10.05 -6.97 11.96
C LEU A 54 -9.45 -5.92 11.02
N GLY A 55 -8.21 -6.13 10.58
CA GLY A 55 -7.60 -5.19 9.66
C GLY A 55 -8.36 -5.10 8.35
N PHE A 56 -8.89 -6.23 7.87
CA PHE A 56 -9.69 -6.23 6.65
C PHE A 56 -11.01 -5.48 6.84
N ILE A 57 -11.59 -5.56 8.05
CA ILE A 57 -12.82 -4.80 8.32
C ILE A 57 -12.56 -3.31 8.23
N ALA A 58 -11.40 -2.86 8.75
CA ALA A 58 -11.10 -1.44 8.81
C ALA A 58 -10.75 -0.88 7.43
N LEU A 59 -9.76 -1.49 6.76
CA LEU A 59 -9.17 -0.90 5.57
C LEU A 59 -9.88 -1.30 4.28
N ILE A 60 -10.72 -2.34 4.29
CA ILE A 60 -11.44 -2.78 3.11
C ILE A 60 -12.94 -2.83 3.35
N GLY A 61 -13.36 -3.39 4.49
CA GLY A 61 -14.78 -3.65 4.71
C GLY A 61 -15.63 -2.39 4.72
N ILE A 62 -15.20 -1.39 5.48
CA ILE A 62 -15.97 -0.14 5.63
C ILE A 62 -15.95 0.67 4.33
N PRO A 63 -14.82 0.77 3.61
CA PRO A 63 -14.89 1.43 2.29
C PRO A 63 -15.87 0.79 1.34
N ILE A 64 -15.93 -0.54 1.29
CA ILE A 64 -16.86 -1.20 0.37
C ILE A 64 -18.29 -1.13 0.89
N VAL A 65 -18.48 -1.16 2.21
CA VAL A 65 -19.82 -0.94 2.76
C VAL A 65 -20.36 0.41 2.30
N LEU A 66 -19.56 1.46 2.45
CA LEU A 66 -19.97 2.78 1.98
C LEU A 66 -20.14 2.79 0.46
N ALA A 67 -19.26 2.10 -0.25
CA ALA A 67 -19.35 2.05 -1.71
C ALA A 67 -20.69 1.46 -2.16
N GLU A 68 -21.10 0.36 -1.52
CA GLU A 68 -22.37 -0.27 -1.88
C GLU A 68 -23.56 0.62 -1.54
N PHE A 69 -23.47 1.38 -0.45
CA PHE A 69 -24.54 2.33 -0.13
C PHE A 69 -24.62 3.42 -1.20
N THR A 70 -23.47 3.90 -1.67
CA THR A 70 -23.45 4.99 -2.64
C THR A 70 -24.05 4.55 -3.97
N ILE A 71 -23.65 3.37 -4.45
CA ILE A 71 -24.21 2.85 -5.70
C ILE A 71 -25.71 2.71 -5.60
N GLY A 72 -26.19 2.18 -4.47
CA GLY A 72 -27.62 1.93 -4.33
C GLY A 72 -28.44 3.21 -4.30
N ARG A 73 -28.05 4.15 -3.44
CA ARG A 73 -28.83 5.38 -3.29
C ARG A 73 -28.85 6.19 -4.59
N ARG A 74 -27.70 6.31 -5.24
CA ARG A 74 -27.63 7.11 -6.46
C ARG A 74 -28.51 6.52 -7.54
N ALA A 75 -28.37 5.21 -7.80
CA ALA A 75 -29.08 4.60 -8.93
C ALA A 75 -30.55 4.41 -8.63
N GLN A 76 -30.90 4.10 -7.38
CA GLN A 76 -32.29 3.81 -6.99
C GLN A 76 -32.85 2.65 -7.82
N SER A 77 -32.14 1.53 -7.82
CA SER A 77 -32.52 0.36 -8.60
C SER A 77 -32.09 -0.90 -7.83
N ASP A 78 -32.20 -2.05 -8.47
CA ASP A 78 -31.88 -3.31 -7.81
C ASP A 78 -30.36 -3.53 -7.79
N ALA A 79 -29.95 -4.74 -7.41
CA ALA A 79 -28.52 -5.02 -7.30
C ALA A 79 -27.84 -4.99 -8.67
N VAL A 80 -28.51 -5.49 -9.70
CA VAL A 80 -27.95 -5.44 -11.04
C VAL A 80 -28.32 -4.15 -11.76
N GLY A 81 -29.53 -3.63 -11.54
CA GLY A 81 -29.98 -2.41 -12.19
C GLY A 81 -29.20 -1.16 -11.80
N SER A 82 -28.57 -1.16 -10.61
CA SER A 82 -27.78 0.00 -10.20
C SER A 82 -26.61 0.24 -11.13
N PHE A 83 -26.12 -0.81 -11.78
CA PHE A 83 -24.97 -0.68 -12.67
C PHE A 83 -25.38 -0.38 -14.11
N GLU A 84 -26.58 -0.79 -14.52
CA GLU A 84 -27.06 -0.43 -15.85
C GLU A 84 -27.39 1.06 -15.92
N LYS A 85 -27.91 1.62 -14.84
CA LYS A 85 -28.30 3.03 -14.81
C LYS A 85 -27.09 3.95 -14.68
N LEU A 86 -26.20 3.65 -13.73
CA LEU A 86 -25.07 4.54 -13.47
C LEU A 86 -23.99 4.44 -14.54
N ALA A 87 -23.85 3.28 -15.18
CA ALA A 87 -22.88 3.10 -16.26
C ALA A 87 -23.53 2.25 -17.34
N PRO A 88 -24.29 2.87 -18.25
CA PRO A 88 -24.95 2.11 -19.30
C PRO A 88 -23.95 1.49 -20.27
N GLY A 89 -24.20 0.22 -20.61
CA GLY A 89 -23.40 -0.49 -21.58
C GLY A 89 -22.02 -0.95 -21.11
N LYS A 90 -21.68 -0.72 -19.84
CA LYS A 90 -20.37 -1.08 -19.30
C LYS A 90 -20.41 -2.47 -18.66
N PRO A 91 -19.29 -3.20 -18.70
CA PRO A 91 -19.23 -4.51 -18.04
C PRO A 91 -19.12 -4.44 -16.52
N TRP A 92 -19.26 -3.27 -15.91
CA TRP A 92 -19.26 -3.18 -14.46
C TRP A 92 -20.39 -3.99 -13.83
N LYS A 93 -21.46 -4.26 -14.57
CA LYS A 93 -22.62 -4.93 -14.02
C LYS A 93 -22.34 -6.38 -13.63
N VAL A 94 -21.18 -6.92 -14.01
CA VAL A 94 -20.83 -8.28 -13.60
C VAL A 94 -20.71 -8.36 -12.08
N ALA A 95 -20.36 -7.25 -11.42
CA ALA A 95 -20.36 -7.22 -9.97
C ALA A 95 -21.75 -7.46 -9.39
N GLY A 96 -22.79 -6.95 -10.07
CA GLY A 96 -24.15 -7.13 -9.57
C GLY A 96 -24.75 -8.50 -9.86
N LEU A 97 -24.32 -9.14 -10.95
CA LEU A 97 -24.81 -10.49 -11.24
C LEU A 97 -24.25 -11.50 -10.25
N MET A 98 -22.96 -11.37 -9.89
CA MET A 98 -22.38 -12.26 -8.91
C MET A 98 -23.06 -12.09 -7.55
N GLY A 99 -23.34 -10.84 -7.17
CA GLY A 99 -24.04 -10.60 -5.92
C GLY A 99 -25.40 -11.28 -5.87
N VAL A 100 -26.16 -11.21 -6.96
CA VAL A 100 -27.43 -11.92 -7.03
C VAL A 100 -27.20 -13.42 -7.02
N ALA A 101 -26.17 -13.88 -7.73
CA ALA A 101 -25.78 -15.28 -7.65
C ALA A 101 -25.32 -15.63 -6.24
N ALA A 102 -24.51 -14.76 -5.62
CA ALA A 102 -24.01 -15.03 -4.27
C ALA A 102 -25.14 -15.00 -3.25
N GLY A 103 -26.11 -14.12 -3.44
CA GLY A 103 -27.27 -14.10 -2.55
C GLY A 103 -28.06 -15.39 -2.60
N PHE A 104 -28.30 -15.91 -3.81
CA PHE A 104 -28.94 -17.20 -3.99
C PHE A 104 -28.21 -18.29 -3.23
N LEU A 105 -26.91 -18.45 -3.51
CA LEU A 105 -26.14 -19.55 -2.94
C LEU A 105 -26.06 -19.44 -1.42
N ILE A 106 -25.89 -18.23 -0.89
CA ILE A 106 -25.74 -18.06 0.54
C ILE A 106 -27.06 -18.37 1.25
N LEU A 107 -28.18 -17.88 0.72
CA LEU A 107 -29.46 -18.13 1.36
C LEU A 107 -29.87 -19.60 1.35
N SER A 108 -29.34 -20.39 0.41
CA SER A 108 -29.69 -21.80 0.35
C SER A 108 -29.20 -22.55 1.57
N PHE A 109 -27.94 -22.34 1.96
CA PHE A 109 -27.42 -22.99 3.15
C PHE A 109 -27.56 -22.15 4.41
N TYR A 110 -27.76 -20.84 4.26
CA TYR A 110 -28.11 -20.01 5.40
C TYR A 110 -29.40 -20.51 6.05
N GLY A 111 -30.36 -20.93 5.23
CA GLY A 111 -31.61 -21.44 5.76
C GLY A 111 -31.46 -22.75 6.49
N VAL A 112 -30.46 -23.54 6.13
CA VAL A 112 -30.21 -24.80 6.83
C VAL A 112 -29.75 -24.54 8.25
N ILE A 113 -28.78 -23.64 8.42
CA ILE A 113 -28.29 -23.31 9.76
C ILE A 113 -29.38 -22.67 10.59
N ALA A 114 -30.19 -21.81 9.97
CA ALA A 114 -31.32 -21.21 10.68
C ALA A 114 -32.39 -22.24 11.03
N GLY A 115 -32.44 -23.35 10.29
CA GLY A 115 -33.34 -24.43 10.68
C GLY A 115 -32.85 -25.16 11.91
N TRP A 116 -31.54 -25.31 12.06
CA TRP A 116 -30.99 -25.85 13.29
C TRP A 116 -31.39 -24.99 14.49
N ILE A 117 -31.50 -23.68 14.29
CA ILE A 117 -31.89 -22.78 15.36
C ILE A 117 -33.33 -23.05 15.78
N LEU A 118 -34.24 -23.14 14.81
CA LEU A 118 -35.64 -23.43 15.11
C LEU A 118 -35.81 -24.81 15.73
N PHE A 119 -34.97 -25.77 15.35
CA PHE A 119 -35.05 -27.10 15.95
C PHE A 119 -34.63 -27.06 17.42
N TYR A 120 -33.57 -26.31 17.73
CA TYR A 120 -33.12 -26.19 19.11
C TYR A 120 -34.09 -25.36 19.95
N LEU A 121 -34.71 -24.34 19.36
CA LEU A 121 -35.74 -23.60 20.06
C LEU A 121 -36.94 -24.49 20.38
N PHE A 122 -37.23 -25.45 19.51
CA PHE A 122 -38.37 -26.33 19.74
C PHE A 122 -38.11 -27.29 20.90
N ASN A 123 -36.87 -27.73 21.06
CA ASN A 123 -36.55 -28.71 22.09
C ASN A 123 -36.46 -28.09 23.48
N TYR A 124 -36.07 -26.83 23.58
CA TYR A 124 -36.13 -26.16 24.88
C TYR A 124 -37.55 -25.77 25.23
N ILE A 125 -38.38 -25.53 24.22
CA ILE A 125 -39.78 -25.17 24.47
C ILE A 125 -40.59 -26.39 24.87
N THR A 126 -40.21 -27.58 24.42
CA THR A 126 -40.82 -28.82 24.85
C THR A 126 -39.97 -29.57 25.88
N GLY A 127 -39.06 -28.87 26.55
CA GLY A 127 -38.33 -29.45 27.65
C GLY A 127 -37.42 -30.61 27.30
N GLN A 128 -37.00 -30.71 26.04
CA GLN A 128 -36.24 -31.87 25.61
C GLN A 128 -34.76 -31.75 25.93
N LEU A 129 -34.21 -30.54 25.90
CA LEU A 129 -32.78 -30.34 26.07
C LEU A 129 -32.42 -29.72 27.42
N TRP A 130 -33.35 -29.69 28.36
CA TRP A 130 -33.06 -29.12 29.68
C TRP A 130 -31.91 -29.86 30.34
N SER A 131 -32.01 -31.18 30.45
CA SER A 131 -30.92 -32.01 30.91
C SER A 131 -30.13 -32.54 29.70
N ALA A 132 -28.96 -33.08 29.98
CA ALA A 132 -28.11 -33.62 28.93
C ALA A 132 -28.71 -34.92 28.40
N PRO A 133 -28.82 -35.09 27.09
CA PRO A 133 -29.32 -36.35 26.55
C PRO A 133 -28.33 -37.48 26.79
N ALA A 134 -28.84 -38.70 26.75
CA ALA A 134 -28.03 -39.88 27.06
C ALA A 134 -26.77 -39.93 26.21
N GLU A 135 -26.86 -39.55 24.94
CA GLU A 135 -25.74 -39.60 24.01
C GLU A 135 -24.86 -38.36 24.08
N GLY A 136 -25.14 -37.43 24.98
CA GLY A 136 -24.41 -36.19 25.06
C GLY A 136 -24.87 -35.18 24.03
N PHE A 137 -24.57 -33.90 24.30
CA PHE A 137 -24.99 -32.84 23.40
C PHE A 137 -24.29 -32.95 22.05
N GLY A 138 -23.06 -33.47 22.01
CA GLY A 138 -22.41 -33.72 20.73
C GLY A 138 -23.07 -34.84 19.95
N GLY A 139 -23.40 -35.94 20.63
CA GLY A 139 -24.08 -37.03 19.97
C GLY A 139 -25.50 -36.66 19.58
N PHE A 140 -26.17 -35.86 20.40
CA PHE A 140 -27.53 -35.44 20.07
C PHE A 140 -27.54 -34.53 18.86
N PHE A 141 -26.61 -33.59 18.79
CA PHE A 141 -26.52 -32.71 17.63
C PHE A 141 -26.20 -33.50 16.37
N GLU A 142 -25.27 -34.46 16.46
CA GLU A 142 -24.89 -35.26 15.30
C GLU A 142 -26.05 -36.09 14.80
N GLY A 143 -26.85 -36.64 15.71
CA GLY A 143 -28.02 -37.40 15.28
C GLY A 143 -29.01 -36.57 14.52
N PHE A 144 -29.12 -35.29 14.87
CA PHE A 144 -30.11 -34.43 14.21
C PHE A 144 -29.69 -34.05 12.80
N ILE A 145 -28.44 -33.57 12.63
CA ILE A 145 -27.99 -33.16 11.31
C ILE A 145 -27.74 -34.34 10.38
N ALA A 146 -27.69 -35.56 10.93
CA ALA A 146 -27.61 -36.75 10.08
C ALA A 146 -28.98 -37.15 9.56
N ASN A 147 -30.03 -36.91 10.34
CA ASN A 147 -31.39 -37.23 9.92
C ASN A 147 -31.70 -36.58 8.59
N PRO A 148 -32.22 -37.31 7.60
CA PRO A 148 -32.44 -36.71 6.28
C PRO A 148 -33.53 -35.64 6.25
N THR A 149 -34.71 -35.96 6.77
CA THR A 149 -35.89 -35.11 6.53
C THR A 149 -36.19 -34.15 7.68
N LEU A 150 -35.76 -34.46 8.90
CA LEU A 150 -36.05 -33.57 10.03
C LEU A 150 -35.51 -32.16 9.81
N PRO A 151 -34.29 -31.95 9.31
CA PRO A 151 -33.85 -30.56 9.08
C PRO A 151 -34.56 -29.88 7.92
N LEU A 152 -35.01 -30.61 6.91
CA LEU A 152 -35.69 -29.98 5.79
C LEU A 152 -37.02 -29.38 6.22
N PHE A 153 -37.67 -29.98 7.22
CA PHE A 153 -38.91 -29.42 7.75
C PHE A 153 -38.66 -28.06 8.40
N TRP A 154 -37.63 -27.97 9.24
CA TRP A 154 -37.36 -26.73 9.96
C TRP A 154 -36.75 -25.66 9.05
N GLN A 155 -35.99 -26.07 8.05
CA GLN A 155 -35.48 -25.11 7.07
C GLN A 155 -36.61 -24.55 6.22
N ALA A 156 -37.58 -25.41 5.84
CA ALA A 156 -38.73 -24.92 5.09
C ALA A 156 -39.58 -23.99 5.94
N LEU A 157 -39.73 -24.29 7.23
CA LEU A 157 -40.47 -23.42 8.14
C LEU A 157 -39.84 -22.04 8.21
N PHE A 158 -38.52 -21.99 8.30
CA PHE A 158 -37.82 -20.71 8.36
C PHE A 158 -37.96 -19.95 7.03
N MET A 159 -37.89 -20.66 5.91
CA MET A 159 -38.01 -20.00 4.62
C MET A 159 -39.40 -19.41 4.42
N ILE A 160 -40.44 -20.08 4.92
CA ILE A 160 -41.79 -19.54 4.86
C ILE A 160 -41.84 -18.18 5.56
N ALA A 161 -41.25 -18.12 6.76
CA ALA A 161 -41.19 -16.85 7.48
C ALA A 161 -40.41 -15.80 6.69
N THR A 162 -39.32 -16.21 6.05
CA THR A 162 -38.55 -15.28 5.22
C THR A 162 -39.35 -14.85 3.99
N ILE A 163 -40.02 -15.80 3.33
CA ILE A 163 -40.83 -15.47 2.17
C ILE A 163 -41.99 -14.56 2.57
N TRP A 164 -42.57 -14.80 3.75
CA TRP A 164 -43.72 -14.00 4.17
C TRP A 164 -43.34 -12.53 4.32
N ILE A 165 -42.15 -12.26 4.87
CA ILE A 165 -41.80 -10.88 5.21
C ILE A 165 -41.32 -10.11 3.97
N VAL A 166 -40.61 -10.77 3.05
CA VAL A 166 -40.26 -10.10 1.80
C VAL A 166 -41.50 -9.81 0.96
N ALA A 167 -42.49 -10.71 0.98
CA ALA A 167 -43.69 -10.49 0.20
C ALA A 167 -44.51 -9.32 0.71
N ILE A 168 -44.49 -9.08 2.03
CA ILE A 168 -45.31 -8.00 2.59
C ILE A 168 -44.81 -6.64 2.11
N GLY A 169 -43.49 -6.47 2.00
CA GLY A 169 -42.92 -5.27 1.44
C GLY A 169 -41.80 -4.71 2.29
N VAL A 170 -41.24 -3.60 1.81
CA VAL A 170 -40.17 -2.93 2.53
C VAL A 170 -40.71 -2.15 3.73
N LYS A 171 -41.79 -1.40 3.51
CA LYS A 171 -42.31 -0.55 4.56
C LYS A 171 -43.13 -1.34 5.57
N LYS A 172 -43.88 -2.35 5.12
CA LYS A 172 -44.78 -3.10 5.99
C LYS A 172 -44.13 -4.30 6.64
N GLY A 173 -42.96 -4.74 6.18
CA GLY A 173 -42.36 -5.95 6.71
C GLY A 173 -40.91 -5.82 7.13
N ILE A 174 -40.03 -5.50 6.17
CA ILE A 174 -38.61 -5.36 6.47
C ILE A 174 -38.39 -4.26 7.50
N GLU A 175 -39.03 -3.10 7.30
CA GLU A 175 -38.85 -1.97 8.20
C GLU A 175 -39.61 -2.15 9.52
N ARG A 176 -40.61 -3.03 9.55
CA ARG A 176 -41.46 -3.21 10.72
C ARG A 176 -40.94 -4.25 11.69
N SER A 177 -39.72 -4.73 11.50
CA SER A 177 -39.13 -5.69 12.44
C SER A 177 -39.10 -5.12 13.85
N ASN A 178 -39.15 -6.01 14.84
CA ASN A 178 -39.09 -5.58 16.22
C ASN A 178 -37.69 -5.09 16.55
N LYS A 179 -37.58 -3.81 16.94
CA LYS A 179 -36.28 -3.19 17.11
C LYS A 179 -35.67 -3.43 18.49
N ILE A 180 -36.38 -4.09 19.40
CA ILE A 180 -35.81 -4.40 20.71
C ILE A 180 -35.10 -5.75 20.74
N LEU A 181 -35.33 -6.60 19.74
CA LEU A 181 -34.75 -7.94 19.75
C LEU A 181 -33.24 -7.90 19.60
N MET A 182 -32.72 -6.99 18.77
CA MET A 182 -31.29 -6.95 18.52
C MET A 182 -30.50 -6.44 19.72
N PRO A 183 -30.88 -5.34 20.39
CA PRO A 183 -30.20 -5.01 21.64
C PRO A 183 -30.31 -6.10 22.70
N LEU A 184 -31.42 -6.84 22.75
CA LEU A 184 -31.55 -7.91 23.73
C LEU A 184 -30.55 -9.02 23.47
N LEU A 185 -30.29 -9.34 22.20
CA LEU A 185 -29.31 -10.38 21.87
C LEU A 185 -27.93 -10.01 22.40
N GLY A 186 -27.50 -8.77 22.15
CA GLY A 186 -26.21 -8.34 22.65
C GLY A 186 -26.12 -8.36 24.17
N VAL A 187 -27.18 -7.89 24.83
CA VAL A 187 -27.24 -7.95 26.29
C VAL A 187 -27.12 -9.39 26.76
N LEU A 188 -27.75 -10.32 26.05
CA LEU A 188 -27.63 -11.73 26.41
C LEU A 188 -26.26 -12.29 26.05
N LEU A 189 -25.65 -11.80 24.97
CA LEU A 189 -24.31 -12.26 24.62
C LEU A 189 -23.28 -11.74 25.63
N ILE A 190 -23.44 -10.50 26.08
CA ILE A 190 -22.53 -9.95 27.07
C ILE A 190 -22.60 -10.75 28.37
N ALA A 191 -23.82 -11.11 28.79
CA ALA A 191 -23.99 -11.85 30.03
C ALA A 191 -23.44 -13.27 29.90
N LEU A 192 -23.59 -13.89 28.73
CA LEU A 192 -23.00 -15.21 28.53
C LEU A 192 -21.48 -15.13 28.39
N ALA A 193 -20.97 -14.01 27.88
CA ALA A 193 -19.52 -13.80 27.85
C ALA A 193 -18.98 -13.75 29.28
N ILE A 194 -19.60 -12.94 30.14
CA ILE A 194 -19.16 -12.83 31.52
C ILE A 194 -19.18 -14.19 32.20
N TYR A 195 -20.31 -14.89 32.09
CA TYR A 195 -20.46 -16.18 32.77
C TYR A 195 -19.40 -17.17 32.31
N SER A 196 -19.19 -17.27 30.99
CA SER A 196 -18.22 -18.23 30.47
C SER A 196 -16.82 -17.91 30.93
N LEU A 197 -16.51 -16.63 31.19
CA LEU A 197 -15.20 -16.25 31.71
C LEU A 197 -14.93 -16.90 33.07
N THR A 198 -15.97 -17.29 33.79
CA THR A 198 -15.82 -17.90 35.10
C THR A 198 -15.75 -19.42 35.06
N LEU A 199 -15.84 -20.03 33.88
CA LEU A 199 -15.96 -21.48 33.78
C LEU A 199 -14.63 -22.21 33.89
N GLY A 200 -13.51 -21.49 33.95
CA GLY A 200 -12.22 -22.10 34.25
C GLY A 200 -11.31 -22.33 33.07
N GLY A 201 -11.75 -22.06 31.85
CA GLY A 201 -10.89 -22.19 30.68
C GLY A 201 -10.59 -20.85 30.05
N ALA A 202 -10.72 -19.78 30.83
CA ALA A 202 -10.60 -18.44 30.28
C ALA A 202 -9.16 -18.11 29.91
N LYS A 203 -8.19 -18.53 30.74
CA LYS A 203 -6.79 -18.27 30.43
C LYS A 203 -6.40 -18.94 29.11
N GLU A 204 -6.81 -20.20 28.91
CA GLU A 204 -6.53 -20.87 27.65
C GLU A 204 -7.39 -20.31 26.52
N GLY A 205 -8.65 -19.96 26.83
CA GLY A 205 -9.53 -19.46 25.80
C GLY A 205 -9.22 -18.06 25.34
N LEU A 206 -8.78 -17.19 26.26
CA LEU A 206 -8.46 -15.82 25.89
C LEU A 206 -7.07 -15.69 25.27
N ALA A 207 -6.15 -16.58 25.62
CA ALA A 207 -4.88 -16.65 24.90
C ALA A 207 -5.09 -17.15 23.48
N PHE A 208 -6.01 -18.10 23.31
CA PHE A 208 -6.35 -18.59 21.98
C PHE A 208 -6.89 -17.46 21.10
N LEU A 209 -7.66 -16.55 21.68
CA LEU A 209 -8.35 -15.53 20.90
C LEU A 209 -7.57 -14.23 20.80
N PHE A 210 -6.69 -13.94 21.77
CA PHE A 210 -6.00 -12.65 21.78
C PHE A 210 -4.49 -12.72 21.85
N SER A 211 -3.90 -13.91 21.97
CA SER A 211 -2.44 -14.02 21.95
C SER A 211 -2.01 -14.62 20.62
N PRO A 212 -1.44 -13.84 19.71
CA PRO A 212 -1.24 -14.32 18.33
C PRO A 212 -0.08 -15.30 18.21
N ASP A 213 -0.36 -16.43 17.55
CA ASP A 213 0.69 -17.31 17.01
C ASP A 213 0.90 -16.87 15.57
N TRP A 214 2.01 -16.17 15.32
CA TRP A 214 2.23 -15.54 14.01
C TRP A 214 2.53 -16.54 12.90
N SER A 215 2.80 -17.81 13.23
CA SER A 215 3.11 -18.79 12.20
C SER A 215 2.00 -18.90 11.17
N ALA A 216 0.75 -18.66 11.58
CA ALA A 216 -0.38 -18.76 10.66
C ALA A 216 -0.29 -17.73 9.54
N LEU A 217 0.39 -16.61 9.77
CA LEU A 217 0.53 -15.56 8.77
C LEU A 217 1.33 -16.04 7.56
N LYS A 218 1.89 -17.25 7.63
CA LYS A 218 2.60 -17.85 6.51
C LYS A 218 1.69 -18.66 5.60
N ASP A 219 0.45 -18.94 6.02
CA ASP A 219 -0.49 -19.69 5.20
C ASP A 219 -1.38 -18.72 4.43
N PRO A 220 -1.35 -18.73 3.09
CA PRO A 220 -2.22 -17.83 2.33
C PRO A 220 -3.70 -18.14 2.48
N GLY A 221 -4.07 -19.26 3.13
CA GLY A 221 -5.47 -19.55 3.38
C GLY A 221 -6.07 -18.77 4.53
N VAL A 222 -5.24 -18.28 5.44
CA VAL A 222 -5.75 -17.51 6.58
C VAL A 222 -6.22 -16.12 6.14
N TYR A 223 -5.71 -15.61 5.02
CA TYR A 223 -6.19 -14.33 4.51
C TYR A 223 -7.50 -14.49 3.75
N LEU A 224 -7.57 -15.47 2.84
CA LEU A 224 -8.80 -15.72 2.11
C LEU A 224 -9.94 -16.03 3.06
N ALA A 225 -9.68 -16.86 4.08
CA ALA A 225 -10.70 -17.11 5.09
C ALA A 225 -11.07 -15.83 5.83
N ALA A 226 -10.07 -14.98 6.12
CA ALA A 226 -10.35 -13.73 6.80
C ALA A 226 -11.14 -12.77 5.92
N ILE A 227 -10.80 -12.70 4.64
CA ILE A 227 -11.53 -11.81 3.75
C ILE A 227 -12.90 -12.39 3.40
N SER A 228 -13.06 -13.72 3.44
CA SER A 228 -14.39 -14.29 3.25
C SER A 228 -15.30 -13.95 4.43
N GLN A 229 -14.80 -14.16 5.65
CA GLN A 229 -15.60 -13.89 6.84
C GLN A 229 -15.93 -12.40 6.95
N ALA A 230 -15.04 -11.53 6.49
CA ALA A 230 -15.29 -10.09 6.58
C ALA A 230 -16.38 -9.66 5.60
N PHE A 231 -16.34 -10.18 4.36
CA PHE A 231 -17.39 -9.86 3.40
C PHE A 231 -18.71 -10.52 3.80
N PHE A 232 -18.65 -11.77 4.25
CA PHE A 232 -19.86 -12.49 4.66
C PHE A 232 -20.57 -11.77 5.79
N THR A 233 -19.84 -11.40 6.85
CA THR A 233 -20.46 -10.89 8.06
C THR A 233 -21.01 -9.48 7.87
N LEU A 234 -20.44 -8.71 6.93
CA LEU A 234 -20.92 -7.38 6.63
C LEU A 234 -21.93 -7.37 5.48
N SER A 235 -22.37 -8.55 5.03
CA SER A 235 -23.29 -8.68 3.90
C SER A 235 -22.72 -8.06 2.63
N LEU A 236 -21.39 -8.08 2.49
CA LEU A 236 -20.71 -7.44 1.37
C LEU A 236 -20.58 -8.40 0.20
N GLY A 237 -20.90 -7.92 -0.99
CA GLY A 237 -20.72 -8.70 -2.21
C GLY A 237 -21.86 -9.62 -2.57
N MET A 238 -22.98 -9.58 -1.85
CA MET A 238 -24.15 -10.37 -2.20
C MET A 238 -25.33 -9.48 -2.56
N GLY A 239 -25.03 -8.27 -3.04
CA GLY A 239 -26.03 -7.33 -3.50
C GLY A 239 -26.99 -6.80 -2.46
N ALA A 240 -26.75 -7.08 -1.18
CA ALA A 240 -27.72 -6.75 -0.14
C ALA A 240 -27.69 -5.28 0.25
N LEU A 241 -26.49 -4.68 0.32
CA LEU A 241 -26.40 -3.28 0.73
C LEU A 241 -26.67 -2.32 -0.42
N ILE A 242 -26.55 -2.76 -1.66
CA ILE A 242 -26.95 -1.93 -2.78
C ILE A 242 -28.47 -1.83 -2.85
N THR A 243 -29.15 -2.93 -2.51
CA THR A 243 -30.61 -2.93 -2.53
C THR A 243 -31.18 -2.07 -1.40
N TYR A 244 -30.69 -2.27 -0.18
CA TYR A 244 -31.15 -1.47 0.95
C TYR A 244 -30.80 -0.01 0.77
N GLY A 245 -29.63 0.27 0.19
CA GLY A 245 -29.29 1.65 -0.15
C GLY A 245 -30.21 2.23 -1.21
N SER A 246 -30.80 1.37 -2.05
CA SER A 246 -31.66 1.85 -3.12
C SER A 246 -33.04 2.25 -2.63
N TYR A 247 -33.36 1.99 -1.37
CA TYR A 247 -34.59 2.47 -0.76
C TYR A 247 -34.36 3.70 0.11
N VAL A 248 -33.24 4.39 -0.10
CA VAL A 248 -32.78 5.48 0.77
C VAL A 248 -33.01 6.81 0.05
N SER A 249 -33.40 7.83 0.81
CA SER A 249 -33.65 9.16 0.26
C SER A 249 -32.35 9.95 0.17
N LYS A 250 -32.46 11.18 -0.34
CA LYS A 250 -31.27 11.97 -0.64
C LYS A 250 -30.61 12.48 0.63
N ASP A 251 -31.39 12.91 1.61
CA ASP A 251 -30.84 13.50 2.83
C ASP A 251 -30.51 12.42 3.87
N SER A 252 -29.58 11.55 3.48
CA SER A 252 -29.17 10.44 4.33
C SER A 252 -27.65 10.43 4.42
N ARG A 253 -27.15 10.56 5.64
CA ARG A 253 -25.71 10.51 5.89
C ARG A 253 -25.26 9.06 5.81
N LEU A 254 -24.62 8.70 4.70
CA LEU A 254 -24.16 7.34 4.46
C LEU A 254 -22.89 6.98 5.24
N PRO A 255 -21.88 7.85 5.34
CA PRO A 255 -20.62 7.42 5.99
C PRO A 255 -20.79 6.90 7.41
N GLY A 256 -21.48 7.66 8.26
CA GLY A 256 -21.68 7.21 9.64
C GLY A 256 -22.49 5.93 9.71
N ALA A 257 -23.50 5.80 8.83
CA ALA A 257 -24.26 4.57 8.76
C ALA A 257 -23.36 3.38 8.46
N ALA A 258 -22.38 3.57 7.55
CA ALA A 258 -21.44 2.50 7.23
C ALA A 258 -20.55 2.17 8.43
N VAL A 259 -20.02 3.20 9.10
CA VAL A 259 -19.20 2.98 10.29
C VAL A 259 -20.03 2.36 11.41
N SER A 260 -21.31 2.73 11.49
CA SER A 260 -22.17 2.18 12.53
C SER A 260 -22.57 0.74 12.23
N VAL A 261 -22.82 0.43 10.95
CA VAL A 261 -23.11 -0.95 10.57
C VAL A 261 -21.90 -1.84 10.87
N ALA A 262 -20.72 -1.43 10.43
CA ALA A 262 -19.54 -2.27 10.58
C ALA A 262 -19.05 -2.31 12.02
N GLY A 263 -19.24 -1.24 12.79
CA GLY A 263 -18.77 -1.23 14.16
C GLY A 263 -19.62 -2.11 15.07
N LEU A 264 -20.95 -1.99 14.94
CA LEU A 264 -21.85 -2.82 15.74
C LEU A 264 -21.68 -4.29 15.40
N ASP A 265 -21.50 -4.60 14.11
CA ASP A 265 -21.32 -6.00 13.70
C ASP A 265 -20.06 -6.59 14.30
N THR A 266 -18.99 -5.80 14.37
CA THR A 266 -17.72 -6.33 14.88
C THR A 266 -17.78 -6.54 16.39
N ALA A 267 -18.59 -5.75 17.09
CA ALA A 267 -18.74 -5.96 18.52
C ALA A 267 -19.38 -7.30 18.84
N PHE A 268 -20.37 -7.70 18.04
CA PHE A 268 -21.07 -8.96 18.27
C PHE A 268 -20.12 -10.15 18.12
N ALA A 269 -19.30 -10.14 17.07
CA ALA A 269 -18.37 -11.24 16.84
C ALA A 269 -17.38 -11.39 17.98
N ILE A 270 -16.82 -10.26 18.46
CA ILE A 270 -15.80 -10.32 19.49
C ILE A 270 -16.41 -10.77 20.82
N ILE A 271 -17.65 -10.38 21.10
CA ILE A 271 -18.31 -10.86 22.32
C ILE A 271 -18.73 -12.31 22.15
N ALA A 272 -19.12 -12.70 20.93
CA ALA A 272 -19.40 -14.11 20.67
C ALA A 272 -18.14 -14.95 20.84
N GLY A 273 -16.99 -14.41 20.44
CA GLY A 273 -15.75 -15.13 20.64
C GLY A 273 -15.38 -15.27 22.11
N ILE A 274 -15.53 -14.19 22.88
CA ILE A 274 -15.25 -14.24 24.31
C ILE A 274 -16.20 -15.21 25.00
N MET A 275 -17.41 -15.37 24.48
CA MET A 275 -18.34 -16.33 25.06
C MET A 275 -17.92 -17.75 24.76
N ILE A 276 -17.56 -18.03 23.51
CA ILE A 276 -17.49 -19.42 23.03
C ILE A 276 -16.16 -20.07 23.39
N PHE A 277 -15.04 -19.39 23.18
CA PHE A 277 -13.76 -20.09 23.26
C PHE A 277 -13.29 -20.35 24.70
N PRO A 278 -13.56 -19.47 25.66
CA PRO A 278 -13.42 -19.90 27.06
C PRO A 278 -14.31 -21.08 27.42
N ALA A 279 -15.50 -21.18 26.81
CA ALA A 279 -16.35 -22.33 27.04
C ALA A 279 -15.82 -23.57 26.33
N VAL A 280 -15.21 -23.39 25.16
CA VAL A 280 -14.65 -24.52 24.42
C VAL A 280 -13.58 -25.22 25.25
N PHE A 281 -12.64 -24.45 25.80
CA PHE A 281 -11.53 -25.04 26.54
C PHE A 281 -11.97 -25.60 27.88
N ALA A 282 -12.95 -24.97 28.53
CA ALA A 282 -13.44 -25.48 29.80
C ALA A 282 -14.08 -26.85 29.64
N LEU A 283 -14.76 -27.07 28.52
CA LEU A 283 -15.37 -28.36 28.22
C LEU A 283 -14.35 -29.38 27.71
N GLY A 284 -13.08 -28.99 27.55
CA GLY A 284 -12.05 -29.88 27.08
C GLY A 284 -12.06 -30.14 25.59
N LEU A 285 -12.99 -29.54 24.85
CA LEU A 285 -13.07 -29.76 23.41
C LEU A 285 -11.98 -28.99 22.70
N SER A 286 -11.87 -29.23 21.39
CA SER A 286 -10.96 -28.59 20.45
C SER A 286 -11.68 -27.48 19.69
N PRO A 287 -11.05 -26.31 19.55
CA PRO A 287 -11.73 -25.19 18.87
C PRO A 287 -12.00 -25.44 17.39
N SER A 288 -11.44 -26.49 16.80
CA SER A 288 -11.67 -26.81 15.39
C SER A 288 -12.80 -27.83 15.22
N GLY A 289 -13.92 -27.57 15.90
CA GLY A 289 -15.06 -28.46 15.92
C GLY A 289 -16.05 -28.31 14.79
N GLY A 290 -15.79 -27.43 13.83
CA GLY A 290 -16.62 -27.31 12.66
C GLY A 290 -17.88 -26.48 12.87
N PRO A 291 -18.76 -26.47 11.88
CA PRO A 291 -19.97 -25.64 11.96
C PRO A 291 -20.84 -25.93 13.17
N GLY A 292 -20.80 -27.15 13.71
CA GLY A 292 -21.56 -27.45 14.90
C GLY A 292 -20.96 -26.96 16.19
N LEU A 293 -19.95 -26.09 16.12
CA LEU A 293 -19.21 -25.66 17.31
C LEU A 293 -20.14 -25.01 18.32
N VAL A 294 -20.80 -23.92 17.93
CA VAL A 294 -21.74 -23.27 18.83
C VAL A 294 -22.92 -24.18 19.15
N PHE A 295 -23.23 -25.11 18.25
CA PHE A 295 -24.39 -25.99 18.44
C PHE A 295 -24.10 -27.13 19.41
N VAL A 296 -22.83 -27.40 19.70
CA VAL A 296 -22.47 -28.38 20.71
C VAL A 296 -21.96 -27.71 21.99
N VAL A 297 -21.28 -26.56 21.89
CA VAL A 297 -20.74 -25.91 23.07
C VAL A 297 -21.86 -25.33 23.94
N LEU A 298 -22.74 -24.55 23.33
CA LEU A 298 -23.68 -23.73 24.09
C LEU A 298 -24.77 -24.53 24.81
N PRO A 299 -25.32 -25.60 24.23
CA PRO A 299 -26.22 -26.44 25.03
C PRO A 299 -25.54 -27.03 26.27
N ASP A 300 -24.25 -27.33 26.20
CA ASP A 300 -23.54 -27.77 27.39
C ASP A 300 -23.42 -26.64 28.41
N ILE A 301 -23.23 -25.41 27.94
CA ILE A 301 -23.11 -24.27 28.84
C ILE A 301 -24.44 -23.99 29.51
N PHE A 302 -25.54 -24.08 28.75
CA PHE A 302 -26.86 -23.85 29.34
C PHE A 302 -27.23 -24.91 30.37
N ASP A 303 -26.67 -26.10 30.26
CA ASP A 303 -26.96 -27.16 31.21
C ASP A 303 -26.29 -26.95 32.57
N SER A 304 -25.17 -26.23 32.62
CA SER A 304 -24.48 -25.95 33.87
C SER A 304 -25.10 -24.79 34.66
N ILE A 305 -26.16 -24.19 34.15
CA ILE A 305 -26.88 -23.12 34.84
C ILE A 305 -28.18 -23.71 35.37
N ARG A 306 -28.57 -23.29 36.57
CA ARG A 306 -29.84 -23.76 37.13
C ARG A 306 -31.01 -23.37 36.24
N LEU A 307 -31.02 -22.12 35.77
CA LEU A 307 -32.07 -21.60 34.89
C LEU A 307 -31.66 -21.62 33.42
N GLY A 308 -30.75 -22.52 33.06
CA GLY A 308 -30.31 -22.68 31.69
C GLY A 308 -31.40 -22.90 30.67
N PRO A 309 -32.40 -23.75 30.93
CA PRO A 309 -33.52 -23.86 29.98
C PRO A 309 -34.15 -22.53 29.59
N ILE A 310 -34.31 -21.62 30.54
CA ILE A 310 -34.85 -20.29 30.22
C ILE A 310 -33.84 -19.52 29.37
N VAL A 311 -32.54 -19.68 29.67
CA VAL A 311 -31.51 -19.03 28.87
C VAL A 311 -31.52 -19.55 27.45
N GLY A 312 -31.71 -20.87 27.29
CA GLY A 312 -31.69 -21.46 25.96
C GLY A 312 -32.87 -21.02 25.10
N ILE A 313 -34.05 -20.92 25.71
CA ILE A 313 -35.22 -20.44 24.97
C ILE A 313 -34.98 -19.02 24.48
N ALA A 314 -34.46 -18.16 25.37
CA ALA A 314 -34.18 -16.79 24.98
C ALA A 314 -33.09 -16.70 23.92
N PHE A 315 -32.03 -17.52 24.07
CA PHE A 315 -30.89 -17.39 23.16
C PHE A 315 -31.26 -17.78 21.74
N PHE A 316 -32.14 -18.75 21.59
CA PHE A 316 -32.51 -19.22 20.25
C PHE A 316 -33.69 -18.44 19.66
N ILE A 317 -34.47 -17.74 20.49
CA ILE A 317 -35.44 -16.81 19.94
C ILE A 317 -34.74 -15.59 19.38
N LEU A 318 -33.84 -15.00 20.17
CA LEU A 318 -33.17 -13.76 19.76
C LEU A 318 -32.26 -14.00 18.57
N LEU A 319 -31.38 -15.01 18.65
CA LEU A 319 -30.56 -15.36 17.48
C LEU A 319 -31.44 -15.73 16.30
N GLY A 320 -32.53 -16.47 16.56
CA GLY A 320 -33.44 -16.81 15.49
C GLY A 320 -34.06 -15.58 14.85
N ALA A 321 -34.44 -14.60 15.67
CA ALA A 321 -34.94 -13.34 15.15
C ALA A 321 -33.85 -12.62 14.34
N ALA A 322 -32.60 -12.75 14.78
CA ALA A 322 -31.50 -12.09 14.06
C ALA A 322 -31.19 -12.78 12.75
N ALA A 323 -31.22 -14.12 12.73
CA ALA A 323 -31.03 -14.85 11.48
C ALA A 323 -32.18 -14.59 10.51
N LEU A 324 -33.39 -14.35 11.03
CA LEU A 324 -34.52 -14.08 10.17
C LEU A 324 -34.34 -12.75 9.43
N SER A 325 -33.87 -11.73 10.14
CA SER A 325 -33.71 -10.42 9.52
C SER A 325 -32.56 -10.39 8.52
N SER A 326 -31.56 -11.25 8.69
CA SER A 326 -30.49 -11.33 7.70
C SER A 326 -30.95 -12.09 6.46
N ALA A 327 -31.69 -13.18 6.64
CA ALA A 327 -32.22 -13.93 5.53
C ALA A 327 -33.24 -13.12 4.73
N VAL A 328 -33.95 -12.20 5.38
CA VAL A 328 -34.90 -11.35 4.67
C VAL A 328 -34.15 -10.40 3.74
N SER A 329 -32.98 -9.91 4.18
CA SER A 329 -32.21 -9.02 3.33
C SER A 329 -31.54 -9.78 2.19
N LEU A 330 -31.32 -11.08 2.37
CA LEU A 330 -30.76 -11.89 1.29
C LEU A 330 -31.79 -12.14 0.19
N LEU A 331 -32.99 -12.57 0.56
CA LEU A 331 -34.04 -12.86 -0.41
C LEU A 331 -34.53 -11.61 -1.14
N GLU A 332 -34.40 -10.43 -0.51
CA GLU A 332 -34.87 -9.21 -1.16
C GLU A 332 -34.05 -8.86 -2.39
N VAL A 333 -32.78 -9.27 -2.43
CA VAL A 333 -31.89 -8.95 -3.56
C VAL A 333 -32.44 -9.59 -4.83
N PRO A 334 -32.63 -10.92 -4.89
CA PRO A 334 -33.22 -11.49 -6.11
C PRO A 334 -34.65 -11.05 -6.31
N VAL A 335 -35.42 -10.88 -5.23
CA VAL A 335 -36.80 -10.43 -5.35
C VAL A 335 -36.86 -9.09 -6.07
N ALA A 336 -36.02 -8.14 -5.62
CA ALA A 336 -35.98 -6.82 -6.26
C ALA A 336 -35.56 -6.95 -7.72
N TYR A 337 -34.62 -7.84 -8.01
CA TYR A 337 -34.13 -8.00 -9.37
C TYR A 337 -35.21 -8.55 -10.30
N PHE A 338 -35.90 -9.62 -9.87
CA PHE A 338 -36.88 -10.27 -10.73
C PHE A 338 -38.15 -9.45 -10.92
N MET A 339 -38.45 -8.54 -10.00
CA MET A 339 -39.60 -7.66 -10.20
C MET A 339 -39.37 -6.72 -11.38
N ARG A 340 -38.16 -6.16 -11.50
CA ARG A 340 -37.87 -5.27 -12.61
C ARG A 340 -37.70 -6.03 -13.91
N LYS A 341 -36.94 -7.13 -13.88
CA LYS A 341 -36.55 -7.80 -15.12
C LYS A 341 -37.73 -8.48 -15.79
N PHE A 342 -38.66 -9.03 -15.03
CA PHE A 342 -39.73 -9.86 -15.58
C PHE A 342 -41.13 -9.40 -15.19
N ASP A 343 -41.27 -8.19 -14.62
CA ASP A 343 -42.55 -7.60 -14.26
C ASP A 343 -43.32 -8.42 -13.22
N TRP A 344 -42.68 -9.37 -12.54
CA TRP A 344 -43.36 -10.11 -11.49
C TRP A 344 -43.78 -9.18 -10.36
N SER A 345 -44.86 -9.56 -9.69
CA SER A 345 -45.23 -8.83 -8.48
C SER A 345 -44.33 -9.26 -7.33
N ARG A 346 -44.33 -8.44 -6.27
CA ARG A 346 -43.50 -8.75 -5.11
C ARG A 346 -43.86 -10.11 -4.52
N LYS A 347 -45.15 -10.33 -4.28
CA LYS A 347 -45.60 -11.63 -3.76
C LYS A 347 -45.25 -12.76 -4.73
N GLN A 348 -45.44 -12.52 -6.03
CA GLN A 348 -45.07 -13.50 -7.04
C GLN A 348 -43.59 -13.90 -6.89
N ALA A 349 -42.69 -12.92 -6.97
CA ALA A 349 -41.27 -13.21 -6.90
C ALA A 349 -40.85 -13.76 -5.54
N ALA A 350 -41.58 -13.40 -4.48
CA ALA A 350 -41.21 -13.84 -3.15
C ALA A 350 -41.38 -15.34 -2.98
N ILE A 351 -42.55 -15.87 -3.34
CA ILE A 351 -42.82 -17.29 -3.17
C ILE A 351 -42.08 -18.11 -4.22
N THR A 352 -41.92 -17.59 -5.44
CA THR A 352 -41.25 -18.36 -6.50
C THR A 352 -39.77 -18.53 -6.19
N LEU A 353 -39.07 -17.44 -5.91
CA LEU A 353 -37.66 -17.52 -5.59
C LEU A 353 -37.41 -18.10 -4.21
N GLY A 354 -38.38 -18.00 -3.30
CA GLY A 354 -38.21 -18.57 -1.97
C GLY A 354 -38.30 -20.08 -1.98
N VAL A 355 -39.27 -20.62 -2.71
CA VAL A 355 -39.38 -22.08 -2.83
C VAL A 355 -38.17 -22.64 -3.56
N ILE A 356 -37.67 -21.91 -4.55
CA ILE A 356 -36.52 -22.38 -5.33
C ILE A 356 -35.28 -22.45 -4.45
N ILE A 357 -34.92 -21.33 -3.81
CA ILE A 357 -33.75 -21.28 -2.95
C ILE A 357 -33.81 -22.36 -1.88
N THR A 358 -35.02 -22.66 -1.39
CA THR A 358 -35.18 -23.73 -0.41
C THR A 358 -34.71 -25.07 -0.97
N LEU A 359 -35.12 -25.39 -2.20
CA LEU A 359 -34.73 -26.67 -2.80
C LEU A 359 -33.24 -26.72 -3.11
N LEU A 360 -32.62 -25.58 -3.38
CA LEU A 360 -31.18 -25.54 -3.59
C LEU A 360 -30.41 -25.83 -2.30
N GLY A 361 -30.99 -25.49 -1.15
CA GLY A 361 -30.35 -25.78 0.12
C GLY A 361 -30.48 -27.21 0.59
N ILE A 362 -31.42 -27.96 -0.01
CA ILE A 362 -31.62 -29.36 0.40
C ILE A 362 -30.37 -30.20 0.17
N PRO A 363 -29.67 -30.10 -0.97
CA PRO A 363 -28.40 -30.84 -1.10
C PRO A 363 -27.36 -30.40 -0.10
N SER A 364 -27.30 -29.11 0.24
CA SER A 364 -26.40 -28.66 1.29
C SER A 364 -26.78 -29.28 2.63
N SER A 365 -28.08 -29.35 2.94
CA SER A 365 -28.52 -29.96 4.18
C SER A 365 -28.17 -31.45 4.21
N LEU A 366 -28.34 -32.14 3.08
CA LEU A 366 -28.09 -33.57 3.01
C LEU A 366 -26.62 -33.92 3.11
N SER A 367 -25.71 -32.95 2.98
CA SER A 367 -24.29 -33.25 3.03
C SER A 367 -23.78 -33.45 4.46
N PHE A 368 -24.56 -33.05 5.47
CA PHE A 368 -24.20 -33.37 6.84
C PHE A 368 -24.62 -34.79 7.22
N GLY A 369 -25.28 -35.51 6.33
CA GLY A 369 -25.70 -36.87 6.60
C GLY A 369 -25.44 -37.82 5.46
N VAL A 370 -26.50 -38.17 4.71
CA VAL A 370 -26.39 -39.21 3.69
C VAL A 370 -25.40 -38.82 2.60
N LEU A 371 -25.37 -37.54 2.22
CA LEU A 371 -24.44 -37.05 1.21
C LEU A 371 -23.11 -36.62 1.81
N GLY A 372 -22.74 -37.15 2.97
CA GLY A 372 -21.54 -36.69 3.64
C GLY A 372 -20.27 -36.95 2.87
N GLU A 373 -20.25 -38.00 2.06
CA GLU A 373 -19.06 -38.37 1.31
C GLU A 373 -18.94 -37.62 -0.02
N VAL A 374 -20.07 -37.25 -0.64
CA VAL A 374 -20.04 -36.58 -1.93
C VAL A 374 -19.23 -35.29 -1.83
N THR A 375 -18.38 -35.04 -2.84
CA THR A 375 -17.54 -33.87 -2.91
C THR A 375 -17.72 -33.17 -4.25
N ILE A 376 -17.83 -31.85 -4.22
CA ILE A 376 -17.90 -31.06 -5.44
C ILE A 376 -16.53 -30.47 -5.73
N ILE A 377 -16.14 -29.47 -4.94
CA ILE A 377 -14.76 -28.98 -5.00
C ILE A 377 -13.84 -29.98 -4.32
N PRO A 378 -12.70 -30.36 -4.93
CA PRO A 378 -11.84 -31.40 -4.34
C PRO A 378 -11.54 -31.20 -2.86
N GLY A 379 -12.01 -32.14 -2.04
CA GLY A 379 -11.82 -32.11 -0.61
C GLY A 379 -12.96 -31.51 0.18
N LEU A 380 -14.00 -30.99 -0.48
CA LEU A 380 -15.09 -30.30 0.18
C LEU A 380 -16.42 -30.94 -0.19
N ASN A 381 -17.28 -31.16 0.80
CA ASN A 381 -18.62 -31.66 0.54
C ASN A 381 -19.46 -30.56 -0.10
N ILE A 382 -20.73 -30.89 -0.37
CA ILE A 382 -21.64 -29.95 -1.05
C ILE A 382 -21.73 -28.64 -0.26
N PHE A 383 -21.88 -28.73 1.07
CA PHE A 383 -22.06 -27.54 1.88
C PHE A 383 -20.81 -26.67 1.86
N ASP A 384 -19.63 -27.27 2.08
CA ASP A 384 -18.39 -26.51 2.04
C ASP A 384 -18.09 -26.00 0.64
N SER A 385 -18.57 -26.71 -0.40
CA SER A 385 -18.32 -26.27 -1.77
C SER A 385 -19.13 -25.03 -2.11
N VAL A 386 -20.42 -25.02 -1.77
CA VAL A 386 -21.24 -23.85 -2.03
C VAL A 386 -20.78 -22.66 -1.18
N ASP A 387 -20.42 -22.93 0.07
CA ASP A 387 -19.90 -21.86 0.92
C ASP A 387 -18.59 -21.31 0.40
N PHE A 388 -17.76 -22.15 -0.25
CA PHE A 388 -16.51 -21.64 -0.81
C PHE A 388 -16.75 -20.82 -2.06
N ILE A 389 -17.63 -21.31 -2.95
CA ILE A 389 -17.93 -20.57 -4.17
C ILE A 389 -18.57 -19.23 -3.83
N ALA A 390 -19.48 -19.22 -2.85
CA ALA A 390 -20.18 -18.00 -2.50
C ALA A 390 -19.28 -17.06 -1.72
N SER A 391 -18.73 -17.52 -0.60
CA SER A 391 -18.00 -16.64 0.31
C SER A 391 -16.60 -16.28 -0.21
N SER A 392 -15.88 -17.24 -0.77
CA SER A 392 -14.46 -17.07 -1.04
C SER A 392 -14.14 -16.66 -2.48
N VAL A 393 -15.14 -16.55 -3.35
CA VAL A 393 -14.87 -16.22 -4.74
C VAL A 393 -15.75 -15.06 -5.19
N PHE A 394 -17.07 -15.22 -5.04
CA PHE A 394 -17.99 -14.21 -5.55
C PHE A 394 -17.97 -12.95 -4.69
N LEU A 395 -17.89 -13.10 -3.36
CA LEU A 395 -17.93 -11.92 -2.50
C LEU A 395 -16.69 -11.05 -2.64
N PRO A 396 -15.45 -11.58 -2.56
CA PRO A 396 -14.30 -10.70 -2.76
C PRO A 396 -14.14 -10.22 -4.18
N LEU A 397 -14.48 -11.03 -5.18
CA LEU A 397 -14.39 -10.57 -6.56
C LEU A 397 -15.40 -9.47 -6.84
N GLY A 398 -16.68 -9.75 -6.58
CA GLY A 398 -17.69 -8.72 -6.69
C GLY A 398 -17.39 -7.53 -5.83
N GLY A 399 -16.86 -7.78 -4.63
CA GLY A 399 -16.39 -6.68 -3.80
C GLY A 399 -15.23 -5.93 -4.42
N MET A 400 -14.38 -6.61 -5.18
CA MET A 400 -13.26 -5.92 -5.84
C MET A 400 -13.72 -5.11 -7.04
N ILE A 401 -14.67 -5.64 -7.82
CA ILE A 401 -15.19 -4.89 -8.96
C ILE A 401 -15.95 -3.66 -8.49
N ILE A 402 -16.62 -3.75 -7.34
CA ILE A 402 -17.32 -2.59 -6.78
C ILE A 402 -16.33 -1.49 -6.44
N ALA A 403 -15.21 -1.84 -5.80
CA ALA A 403 -14.21 -0.84 -5.45
C ALA A 403 -13.62 -0.21 -6.71
N LEU A 404 -13.18 -1.03 -7.66
CA LEU A 404 -12.68 -0.51 -8.93
C LEU A 404 -13.72 0.33 -9.65
N PHE A 405 -15.00 0.04 -9.44
CA PHE A 405 -16.07 0.76 -10.11
C PHE A 405 -16.11 2.21 -9.66
N ILE A 406 -16.17 2.45 -8.34
CA ILE A 406 -16.16 3.82 -7.85
C ILE A 406 -14.78 4.43 -7.91
N GLY A 407 -13.73 3.60 -7.90
CA GLY A 407 -12.37 4.15 -7.92
C GLY A 407 -11.98 4.69 -9.28
N TRP A 408 -12.25 3.94 -10.34
CA TRP A 408 -11.82 4.31 -11.68
C TRP A 408 -12.97 4.52 -12.66
N GLY A 409 -14.21 4.40 -12.22
CA GLY A 409 -15.33 4.58 -13.12
C GLY A 409 -16.16 5.81 -12.83
N TRP A 410 -15.89 6.46 -11.71
CA TRP A 410 -16.62 7.65 -11.30
C TRP A 410 -15.73 8.87 -11.34
N LYS A 411 -16.31 10.00 -11.75
CA LYS A 411 -15.67 11.29 -11.49
C LYS A 411 -15.55 11.47 -9.99
N THR A 412 -14.34 11.82 -9.53
CA THR A 412 -14.08 11.94 -8.10
C THR A 412 -15.13 12.79 -7.39
N SER A 413 -15.46 13.94 -7.98
CA SER A 413 -16.45 14.83 -7.38
C SER A 413 -17.79 14.15 -7.21
N ASP A 414 -18.17 13.27 -8.15
CA ASP A 414 -19.41 12.53 -8.01
C ASP A 414 -19.36 11.57 -6.83
N ALA A 415 -18.26 10.82 -6.71
CA ALA A 415 -18.14 9.84 -5.63
C ALA A 415 -18.22 10.52 -4.27
N LEU A 416 -17.44 11.58 -4.06
CA LEU A 416 -17.42 12.26 -2.77
C LEU A 416 -18.75 12.94 -2.47
N ALA A 417 -19.42 13.47 -3.51
CA ALA A 417 -20.70 14.14 -3.30
C ALA A 417 -21.78 13.15 -2.90
N GLU A 418 -22.01 12.11 -3.71
CA GLU A 418 -23.01 11.10 -3.42
C GLU A 418 -22.65 10.24 -2.22
N SER A 419 -21.46 10.38 -1.65
CA SER A 419 -21.09 9.69 -0.43
C SER A 419 -21.09 10.59 0.79
N ASP A 420 -21.37 11.88 0.62
CA ASP A 420 -21.41 12.84 1.74
C ASP A 420 -20.05 12.95 2.40
N LEU A 421 -18.98 12.88 1.61
CA LEU A 421 -17.61 12.98 2.10
C LEU A 421 -16.82 14.10 1.45
N THR A 422 -17.49 15.02 0.75
CA THR A 422 -16.78 16.10 0.07
C THR A 422 -15.96 16.91 1.06
N ASP A 423 -14.74 17.27 0.63
CA ASP A 423 -13.85 18.12 1.41
C ASP A 423 -13.61 17.52 2.80
N SER A 424 -13.22 16.25 2.82
CA SER A 424 -12.98 15.53 4.06
C SER A 424 -11.71 14.72 3.95
N VAL A 425 -10.93 14.67 5.03
CA VAL A 425 -9.76 13.80 5.07
C VAL A 425 -10.19 12.34 4.89
N TRP A 426 -11.38 11.99 5.38
CA TRP A 426 -11.89 10.64 5.18
C TRP A 426 -12.20 10.39 3.70
N GLY A 427 -12.72 11.40 3.00
CA GLY A 427 -13.01 11.25 1.59
C GLY A 427 -11.76 11.00 0.76
N LYS A 428 -10.62 11.54 1.19
CA LYS A 428 -9.36 11.27 0.50
C LYS A 428 -8.86 9.86 0.80
N LEU A 429 -9.01 9.42 2.05
CA LEU A 429 -8.63 8.05 2.39
C LEU A 429 -9.62 7.03 1.83
N TRP A 430 -10.88 7.43 1.68
CA TRP A 430 -11.89 6.52 1.12
C TRP A 430 -11.61 6.23 -0.35
N ILE A 431 -11.31 7.28 -1.12
CA ILE A 431 -10.95 7.08 -2.52
C ILE A 431 -9.66 6.26 -2.64
N LEU A 432 -8.70 6.52 -1.73
CA LEU A 432 -7.49 5.73 -1.71
C LEU A 432 -7.80 4.25 -1.51
N SER A 433 -8.78 3.93 -0.67
CA SER A 433 -9.12 2.54 -0.42
C SER A 433 -9.69 1.88 -1.66
N LEU A 434 -10.65 2.54 -2.32
CA LEU A 434 -11.33 1.90 -3.44
C LEU A 434 -10.45 1.87 -4.68
N ARG A 435 -9.62 2.89 -4.88
CA ARG A 435 -8.81 2.95 -6.10
C ARG A 435 -7.65 1.96 -6.03
N PHE A 436 -6.97 1.89 -4.89
CA PHE A 436 -5.72 1.14 -4.81
C PHE A 436 -5.80 0.02 -3.78
N ILE A 437 -5.95 0.35 -2.49
CA ILE A 437 -5.68 -0.62 -1.43
C ILE A 437 -6.59 -1.83 -1.54
N ALA A 438 -7.91 -1.60 -1.58
CA ALA A 438 -8.85 -2.72 -1.59
C ALA A 438 -8.68 -3.62 -2.79
N PRO A 439 -8.74 -3.14 -4.04
CA PRO A 439 -8.62 -4.09 -5.17
C PRO A 439 -7.24 -4.72 -5.28
N ILE A 440 -6.18 -4.04 -4.83
CA ILE A 440 -4.85 -4.63 -4.88
C ILE A 440 -4.74 -5.76 -3.87
N ALA A 441 -5.14 -5.51 -2.62
CA ALA A 441 -5.00 -6.53 -1.58
C ALA A 441 -5.87 -7.73 -1.86
N ILE A 442 -7.08 -7.51 -2.40
CA ILE A 442 -7.96 -8.62 -2.76
C ILE A 442 -7.29 -9.49 -3.82
N LEU A 443 -6.75 -8.87 -4.87
CA LEU A 443 -6.07 -9.62 -5.92
C LEU A 443 -4.86 -10.37 -5.37
N ILE A 444 -4.14 -9.77 -4.43
CA ILE A 444 -2.99 -10.45 -3.83
C ILE A 444 -3.44 -11.66 -3.03
N VAL A 445 -4.56 -11.54 -2.32
CA VAL A 445 -5.05 -12.66 -1.52
C VAL A 445 -5.53 -13.80 -2.42
N PHE A 446 -6.19 -13.47 -3.53
CA PHE A 446 -6.59 -14.50 -4.49
C PHE A 446 -5.38 -15.20 -5.08
N LEU A 447 -4.34 -14.45 -5.45
CA LEU A 447 -3.18 -15.03 -6.12
C LEU A 447 -2.44 -15.98 -5.19
N SER A 448 -2.18 -15.54 -3.95
CA SER A 448 -1.47 -16.40 -3.01
C SER A 448 -2.29 -17.63 -2.66
N ALA A 449 -3.60 -17.48 -2.47
CA ALA A 449 -4.42 -18.59 -1.99
C ALA A 449 -4.67 -19.62 -3.09
N PHE A 450 -5.00 -19.15 -4.29
CA PHE A 450 -5.27 -20.05 -5.40
C PHE A 450 -3.99 -20.41 -6.14
N ARG B 11 35.32 -12.71 -6.28
CA ARG B 11 34.93 -11.37 -6.69
C ARG B 11 36.00 -10.34 -6.35
N GLU B 12 35.81 -9.12 -6.84
CA GLU B 12 36.76 -8.02 -6.65
C GLU B 12 36.31 -7.20 -5.46
N GLN B 13 37.05 -7.28 -4.36
CA GLN B 13 36.77 -6.49 -3.17
C GLN B 13 37.76 -5.32 -3.08
N TRP B 14 37.36 -4.31 -2.30
CA TRP B 14 38.19 -3.13 -2.12
C TRP B 14 39.58 -3.52 -1.63
N ALA B 15 40.60 -3.02 -2.34
CA ALA B 15 41.96 -3.44 -2.08
C ALA B 15 42.57 -2.72 -0.89
N SER B 16 42.24 -1.45 -0.71
CA SER B 16 42.77 -0.68 0.42
C SER B 16 41.73 -0.59 1.53
N ARG B 17 42.12 0.04 2.64
CA ARG B 17 41.25 0.11 3.80
C ARG B 17 40.26 1.27 3.68
N LEU B 18 40.76 2.45 3.33
CA LEU B 18 39.90 3.58 3.03
C LEU B 18 39.37 3.56 1.60
N GLY B 19 39.65 2.51 0.84
CA GLY B 19 39.13 2.43 -0.52
C GLY B 19 37.62 2.48 -0.58
N PHE B 20 36.96 1.79 0.35
CA PHE B 20 35.50 1.78 0.36
C PHE B 20 34.93 3.16 0.68
N ILE B 21 35.37 3.77 1.78
CA ILE B 21 34.74 5.01 2.22
C ILE B 21 35.01 6.14 1.24
N LEU B 22 36.18 6.14 0.60
CA LEU B 22 36.47 7.19 -0.37
C LEU B 22 35.69 7.00 -1.66
N ALA B 23 35.43 5.75 -2.05
CA ALA B 23 34.62 5.51 -3.23
C ALA B 23 33.17 5.93 -3.01
N ALA B 24 32.64 5.72 -1.81
CA ALA B 24 31.28 6.14 -1.52
C ALA B 24 31.15 7.65 -1.44
N MET B 25 32.24 8.35 -1.10
CA MET B 25 32.22 9.81 -1.15
C MET B 25 32.34 10.31 -2.58
N GLY B 26 33.13 9.64 -3.40
CA GLY B 26 33.18 9.98 -4.82
C GLY B 26 31.85 9.75 -5.51
N SER B 27 31.14 8.68 -5.12
CA SER B 27 29.79 8.47 -5.60
C SER B 27 28.87 9.63 -5.21
N ALA B 28 28.92 10.02 -3.95
CA ALA B 28 28.03 11.05 -3.42
C ALA B 28 28.30 12.42 -4.02
N VAL B 29 29.47 12.99 -3.73
CA VAL B 29 29.81 14.36 -4.16
C VAL B 29 29.94 14.42 -5.68
N GLY B 30 28.93 14.95 -6.33
CA GLY B 30 28.90 15.06 -7.78
C GLY B 30 28.04 16.24 -8.21
N LEU B 31 27.47 16.14 -9.42
CA LEU B 31 26.72 17.27 -9.97
C LEU B 31 25.49 17.60 -9.14
N GLY B 32 24.89 16.60 -8.49
CA GLY B 32 23.72 16.85 -7.68
C GLY B 32 23.95 17.87 -6.57
N ASN B 33 25.18 17.95 -6.08
CA ASN B 33 25.51 18.90 -5.02
C ASN B 33 25.46 20.34 -5.52
N ILE B 34 25.97 20.59 -6.71
CA ILE B 34 26.11 21.94 -7.22
C ILE B 34 24.99 22.25 -8.20
N TRP B 35 24.97 21.52 -9.32
CA TRP B 35 24.02 21.81 -10.39
C TRP B 35 22.59 21.58 -9.93
N ARG B 36 22.29 20.36 -9.45
CA ARG B 36 20.91 20.02 -9.15
C ARG B 36 20.42 20.69 -7.87
N PHE B 37 21.22 20.63 -6.80
CA PHE B 37 20.80 21.23 -5.54
C PHE B 37 20.51 22.72 -5.70
N SER B 38 21.24 23.41 -6.56
CA SER B 38 21.02 24.85 -6.74
C SER B 38 19.66 25.12 -7.36
N TYR B 39 19.37 24.52 -8.52
CA TYR B 39 18.14 24.89 -9.21
C TYR B 39 16.91 24.26 -8.57
N VAL B 40 17.06 23.10 -7.91
CA VAL B 40 15.95 22.54 -7.17
C VAL B 40 15.63 23.41 -5.95
N THR B 41 16.66 23.84 -5.22
CA THR B 41 16.44 24.81 -4.15
C THR B 41 15.91 26.12 -4.70
N GLY B 42 16.31 26.49 -5.92
CA GLY B 42 15.97 27.79 -6.46
C GLY B 42 14.51 27.95 -6.80
N GLU B 43 13.84 26.86 -7.16
CA GLU B 43 12.44 26.92 -7.56
C GLU B 43 11.48 26.46 -6.48
N ASN B 44 11.98 26.15 -5.28
CA ASN B 44 11.12 25.71 -4.18
C ASN B 44 11.12 26.66 -2.99
N GLY B 45 11.72 27.83 -3.11
CA GLY B 45 11.61 28.85 -2.08
C GLY B 45 12.85 29.06 -1.24
N GLY B 46 13.78 28.14 -1.27
CA GLY B 46 15.03 28.31 -0.53
C GLY B 46 14.99 27.63 0.85
N ALA B 47 14.88 28.45 1.90
CA ALA B 47 15.11 27.97 3.27
C ALA B 47 14.07 26.96 3.72
N ALA B 48 12.80 27.13 3.32
CA ALA B 48 11.77 26.16 3.71
C ALA B 48 12.06 24.79 3.11
N PHE B 49 12.28 24.74 1.79
CA PHE B 49 12.72 23.53 1.13
C PHE B 49 14.01 23.00 1.78
N LEU B 50 14.96 23.89 2.02
CA LEU B 50 16.25 23.47 2.56
C LEU B 50 16.11 22.78 3.91
N LEU B 51 15.26 23.32 4.79
CA LEU B 51 15.08 22.71 6.10
C LEU B 51 14.45 21.33 5.98
N VAL B 52 13.40 21.21 5.16
CA VAL B 52 12.81 19.90 4.90
C VAL B 52 13.84 18.98 4.26
N TYR B 53 14.71 19.53 3.41
CA TYR B 53 15.77 18.75 2.80
C TYR B 53 16.75 18.23 3.85
N LEU B 54 17.09 19.07 4.83
CA LEU B 54 18.04 18.65 5.86
C LEU B 54 17.45 17.60 6.78
N GLY B 55 16.17 17.75 7.15
CA GLY B 55 15.54 16.76 8.00
C GLY B 55 15.42 15.41 7.34
N PHE B 56 15.19 15.39 6.02
CA PHE B 56 15.09 14.12 5.30
C PHE B 56 16.42 13.38 5.29
N ILE B 57 17.53 14.12 5.20
CA ILE B 57 18.84 13.50 5.18
C ILE B 57 19.10 12.73 6.47
N ALA B 58 18.75 13.34 7.61
CA ALA B 58 19.11 12.75 8.89
C ALA B 58 18.26 11.54 9.22
N LEU B 59 16.93 11.68 9.13
CA LEU B 59 16.02 10.66 9.63
C LEU B 59 15.76 9.54 8.62
N ILE B 60 15.95 9.80 7.33
CA ILE B 60 15.67 8.84 6.27
C ILE B 60 16.94 8.49 5.49
N GLY B 61 17.69 9.50 5.05
CA GLY B 61 18.85 9.26 4.21
C GLY B 61 19.91 8.44 4.93
N ILE B 62 20.33 8.89 6.10
CA ILE B 62 21.39 8.19 6.84
C ILE B 62 20.99 6.77 7.22
N PRO B 63 19.78 6.50 7.73
CA PRO B 63 19.40 5.10 7.97
C PRO B 63 19.42 4.25 6.72
N ILE B 64 18.99 4.80 5.59
CA ILE B 64 18.96 4.01 4.36
C ILE B 64 20.36 3.89 3.74
N VAL B 65 21.23 4.88 3.95
CA VAL B 65 22.63 4.74 3.51
C VAL B 65 23.28 3.57 4.24
N LEU B 66 23.15 3.55 5.56
CA LEU B 66 23.65 2.41 6.33
C LEU B 66 22.94 1.13 5.93
N ALA B 67 21.68 1.23 5.50
CA ALA B 67 20.95 0.04 5.07
C ALA B 67 21.53 -0.52 3.77
N GLU B 68 21.84 0.34 2.81
CA GLU B 68 22.42 -0.13 1.56
C GLU B 68 23.80 -0.74 1.77
N PHE B 69 24.61 -0.11 2.64
CA PHE B 69 25.92 -0.68 2.96
C PHE B 69 25.79 -2.05 3.61
N THR B 70 24.80 -2.22 4.49
CA THR B 70 24.66 -3.45 5.25
C THR B 70 24.28 -4.62 4.33
N ILE B 71 23.33 -4.40 3.42
CA ILE B 71 22.91 -5.45 2.50
C ILE B 71 24.09 -5.93 1.67
N GLY B 72 24.83 -4.98 1.07
CA GLY B 72 25.87 -5.36 0.13
C GLY B 72 27.02 -6.13 0.77
N ARG B 73 27.51 -5.65 1.93
CA ARG B 73 28.62 -6.35 2.58
C ARG B 73 28.20 -7.73 3.04
N ARG B 74 26.94 -7.91 3.41
CA ARG B 74 26.46 -9.24 3.80
C ARG B 74 26.25 -10.13 2.59
N ALA B 75 25.70 -9.59 1.51
CA ALA B 75 25.34 -10.43 0.37
C ALA B 75 26.50 -10.66 -0.58
N GLN B 76 27.38 -9.67 -0.73
CA GLN B 76 28.54 -9.77 -1.63
C GLN B 76 28.08 -10.07 -3.06
N SER B 77 27.08 -9.32 -3.52
CA SER B 77 26.49 -9.56 -4.82
C SER B 77 26.06 -8.22 -5.42
N ASP B 78 25.68 -8.27 -6.69
CA ASP B 78 25.22 -7.05 -7.37
C ASP B 78 23.88 -6.59 -6.78
N ALA B 79 23.33 -5.52 -7.38
CA ALA B 79 22.19 -4.85 -6.77
C ALA B 79 20.95 -5.73 -6.74
N VAL B 80 20.70 -6.48 -7.81
CA VAL B 80 19.59 -7.42 -7.82
C VAL B 80 19.95 -8.75 -7.18
N GLY B 81 21.22 -9.18 -7.29
CA GLY B 81 21.65 -10.44 -6.71
C GLY B 81 21.79 -10.41 -5.20
N SER B 82 21.73 -9.24 -4.57
CA SER B 82 21.81 -9.17 -3.12
C SER B 82 20.48 -9.57 -2.48
N PHE B 83 19.35 -9.14 -3.06
CA PHE B 83 18.05 -9.54 -2.52
C PHE B 83 17.74 -11.00 -2.83
N GLU B 84 18.23 -11.51 -3.96
CA GLU B 84 18.01 -12.93 -4.28
C GLU B 84 18.76 -13.84 -3.33
N LYS B 85 19.87 -13.38 -2.77
CA LYS B 85 20.72 -14.19 -1.90
C LYS B 85 20.27 -14.18 -0.44
N LEU B 86 19.68 -13.07 0.03
CA LEU B 86 19.27 -12.95 1.42
C LEU B 86 17.79 -13.26 1.62
N ALA B 87 16.95 -12.90 0.65
CA ALA B 87 15.52 -13.24 0.65
C ALA B 87 15.22 -14.02 -0.63
N PRO B 88 15.61 -15.29 -0.67
CA PRO B 88 15.50 -16.05 -1.92
C PRO B 88 14.06 -16.25 -2.37
N GLY B 89 13.78 -15.89 -3.62
CA GLY B 89 12.48 -16.09 -4.21
C GLY B 89 11.39 -15.13 -3.77
N LYS B 90 11.58 -14.45 -2.65
CA LYS B 90 10.58 -13.51 -2.15
C LYS B 90 10.65 -12.19 -2.93
N PRO B 91 9.56 -11.39 -2.90
CA PRO B 91 9.46 -10.27 -3.84
C PRO B 91 10.19 -8.99 -3.44
N TRP B 92 11.12 -9.09 -2.49
CA TRP B 92 11.85 -7.88 -2.07
C TRP B 92 12.74 -7.32 -3.16
N LYS B 93 13.14 -8.13 -4.15
CA LYS B 93 14.15 -7.70 -5.11
C LYS B 93 13.63 -6.69 -6.13
N VAL B 94 12.35 -6.34 -6.10
CA VAL B 94 11.86 -5.27 -6.98
C VAL B 94 12.61 -3.97 -6.71
N ALA B 95 12.94 -3.70 -5.43
CA ALA B 95 13.77 -2.55 -5.12
C ALA B 95 15.17 -2.65 -5.73
N GLY B 96 15.64 -3.86 -6.02
CA GLY B 96 16.88 -4.02 -6.76
C GLY B 96 16.69 -3.72 -8.23
N LEU B 97 15.60 -4.24 -8.80
CA LEU B 97 15.30 -3.98 -10.21
C LEU B 97 14.97 -2.51 -10.45
N MET B 98 14.32 -1.85 -9.50
CA MET B 98 14.07 -0.41 -9.62
C MET B 98 15.37 0.38 -9.55
N GLY B 99 16.29 -0.03 -8.69
CA GLY B 99 17.54 0.70 -8.54
C GLY B 99 18.41 0.63 -9.78
N VAL B 100 18.39 -0.52 -10.47
CA VAL B 100 19.11 -0.63 -11.74
C VAL B 100 18.51 0.32 -12.77
N ALA B 101 17.18 0.26 -12.94
CA ALA B 101 16.51 1.17 -13.86
C ALA B 101 16.73 2.62 -13.48
N ALA B 102 16.81 2.90 -12.18
CA ALA B 102 16.98 4.29 -11.73
C ALA B 102 18.39 4.79 -12.02
N GLY B 103 19.41 3.97 -11.74
CA GLY B 103 20.75 4.32 -12.16
C GLY B 103 20.92 4.29 -13.65
N PHE B 104 20.12 3.47 -14.34
CA PHE B 104 20.09 3.46 -15.80
C PHE B 104 19.52 4.76 -16.34
N LEU B 105 18.44 5.26 -15.71
CA LEU B 105 17.81 6.49 -16.17
C LEU B 105 18.63 7.72 -15.80
N ILE B 106 19.11 7.78 -14.56
CA ILE B 106 19.81 8.97 -14.09
C ILE B 106 21.09 9.19 -14.88
N LEU B 107 21.83 8.10 -15.17
CA LEU B 107 23.07 8.24 -15.93
C LEU B 107 22.83 8.77 -17.34
N SER B 108 21.62 8.60 -17.87
CA SER B 108 21.35 9.02 -19.25
C SER B 108 21.49 10.53 -19.40
N PHE B 109 20.84 11.30 -18.52
CA PHE B 109 21.01 12.75 -18.57
C PHE B 109 22.16 13.24 -17.69
N TYR B 110 22.70 12.39 -16.81
CA TYR B 110 23.87 12.77 -16.04
C TYR B 110 25.05 13.07 -16.95
N GLY B 111 25.21 12.30 -18.01
CA GLY B 111 26.22 12.58 -19.02
C GLY B 111 25.91 13.81 -19.85
N VAL B 112 24.62 14.17 -19.97
CA VAL B 112 24.27 15.41 -20.66
C VAL B 112 24.84 16.61 -19.92
N ILE B 113 24.56 16.71 -18.61
CA ILE B 113 25.09 17.82 -17.83
C ILE B 113 26.60 17.71 -17.69
N ALA B 114 27.13 16.49 -17.60
CA ALA B 114 28.58 16.33 -17.62
C ALA B 114 29.18 16.76 -18.95
N GLY B 115 28.45 16.57 -20.05
CA GLY B 115 28.91 17.06 -21.33
C GLY B 115 29.00 18.58 -21.37
N TRP B 116 28.05 19.25 -20.70
CA TRP B 116 28.11 20.71 -20.60
C TRP B 116 29.39 21.15 -19.90
N ILE B 117 29.80 20.42 -18.86
CA ILE B 117 31.00 20.79 -18.12
C ILE B 117 32.23 20.71 -19.02
N LEU B 118 32.34 19.63 -19.80
CA LEU B 118 33.48 19.50 -20.70
C LEU B 118 33.50 20.61 -21.75
N PHE B 119 32.32 21.11 -22.13
CA PHE B 119 32.27 22.20 -23.10
C PHE B 119 32.72 23.51 -22.48
N TYR B 120 32.29 23.79 -21.25
CA TYR B 120 32.75 25.02 -20.59
C TYR B 120 34.23 24.95 -20.26
N LEU B 121 34.73 23.77 -19.88
CA LEU B 121 36.16 23.60 -19.66
C LEU B 121 36.94 23.84 -20.94
N PHE B 122 36.44 23.32 -22.07
CA PHE B 122 37.14 23.50 -23.34
C PHE B 122 37.14 24.95 -23.80
N ASN B 123 36.12 25.73 -23.41
CA ASN B 123 36.08 27.12 -23.83
C ASN B 123 36.99 28.00 -22.99
N TYR B 124 37.15 27.69 -21.70
CA TYR B 124 38.11 28.43 -20.88
C TYR B 124 39.54 28.09 -21.27
N ILE B 125 39.78 26.85 -21.73
CA ILE B 125 41.13 26.44 -22.11
C ILE B 125 41.54 27.09 -23.42
N THR B 126 40.59 27.34 -24.31
CA THR B 126 40.88 27.95 -25.60
C THR B 126 40.69 29.47 -25.61
N GLY B 127 40.46 30.07 -24.45
CA GLY B 127 40.38 31.51 -24.35
C GLY B 127 39.12 32.16 -24.88
N GLN B 128 38.04 31.40 -25.05
CA GLN B 128 36.82 31.91 -25.66
C GLN B 128 35.84 32.52 -24.65
N LEU B 129 35.97 32.17 -23.36
CA LEU B 129 35.11 32.74 -22.33
C LEU B 129 35.86 33.67 -21.39
N TRP B 130 36.98 34.24 -21.84
CA TRP B 130 37.77 35.16 -21.02
C TRP B 130 37.17 36.56 -20.96
N SER B 131 35.94 36.73 -21.42
CA SER B 131 35.18 37.98 -21.34
C SER B 131 33.78 37.68 -21.85
N ALA B 132 32.87 38.60 -21.60
CA ALA B 132 31.46 38.38 -21.93
C ALA B 132 31.26 38.30 -23.44
N PRO B 133 30.53 37.32 -23.95
CA PRO B 133 30.13 37.34 -25.36
C PRO B 133 29.12 38.44 -25.62
N ALA B 134 28.90 38.72 -26.90
CA ALA B 134 27.93 39.76 -27.28
C ALA B 134 26.51 39.37 -26.90
N GLU B 135 26.19 38.08 -26.94
CA GLU B 135 24.85 37.58 -26.63
C GLU B 135 24.68 37.29 -25.14
N GLY B 136 25.64 37.66 -24.30
CA GLY B 136 25.57 37.40 -22.88
C GLY B 136 25.94 35.96 -22.54
N PHE B 137 26.36 35.77 -21.28
CA PHE B 137 26.64 34.42 -20.79
C PHE B 137 25.38 33.56 -20.72
N GLY B 138 24.20 34.16 -20.83
CA GLY B 138 22.96 33.41 -20.88
C GLY B 138 22.63 32.99 -22.30
N GLY B 139 22.68 33.94 -23.23
CA GLY B 139 22.45 33.59 -24.63
C GLY B 139 23.48 32.61 -25.16
N PHE B 140 24.72 32.73 -24.69
CA PHE B 140 25.75 31.77 -25.07
C PHE B 140 25.40 30.37 -24.59
N PHE B 141 24.86 30.26 -23.37
CA PHE B 141 24.46 28.96 -22.86
C PHE B 141 23.24 28.43 -23.59
N GLU B 142 22.22 29.27 -23.78
CA GLU B 142 21.01 28.83 -24.47
C GLU B 142 21.31 28.41 -25.90
N GLY B 143 22.23 29.11 -26.57
CA GLY B 143 22.56 28.75 -27.94
C GLY B 143 23.26 27.41 -28.04
N PHE B 144 24.11 27.09 -27.07
CA PHE B 144 24.84 25.83 -27.09
C PHE B 144 23.90 24.65 -26.87
N ILE B 145 23.08 24.70 -25.82
CA ILE B 145 22.20 23.60 -25.50
C ILE B 145 21.12 23.38 -26.56
N ALA B 146 20.77 24.41 -27.32
CA ALA B 146 19.77 24.26 -28.36
C ALA B 146 20.35 23.68 -29.64
N ASN B 147 21.67 23.77 -29.84
CA ASN B 147 22.33 23.13 -30.96
C ASN B 147 22.15 21.63 -30.87
N PRO B 148 21.63 20.96 -31.89
CA PRO B 148 21.32 19.53 -31.75
C PRO B 148 22.53 18.64 -31.49
N THR B 149 23.63 18.86 -32.21
CA THR B 149 24.72 17.89 -32.22
C THR B 149 25.85 18.18 -31.24
N LEU B 150 26.14 19.47 -30.99
CA LEU B 150 27.33 19.82 -30.22
C LEU B 150 27.31 19.25 -28.80
N PRO B 151 26.25 19.37 -28.01
CA PRO B 151 26.28 18.73 -26.68
C PRO B 151 26.43 17.22 -26.75
N LEU B 152 26.00 16.61 -27.85
CA LEU B 152 26.12 15.16 -27.98
C LEU B 152 27.57 14.72 -28.13
N PHE B 153 28.40 15.55 -28.76
CA PHE B 153 29.82 15.21 -28.87
C PHE B 153 30.48 15.20 -27.49
N TRP B 154 30.19 16.22 -26.69
CA TRP B 154 30.82 16.31 -25.37
C TRP B 154 30.22 15.30 -24.40
N GLN B 155 28.94 14.97 -24.56
CA GLN B 155 28.34 13.91 -23.76
C GLN B 155 29.01 12.57 -24.05
N ALA B 156 29.26 12.29 -25.33
CA ALA B 156 29.90 11.03 -25.70
C ALA B 156 31.32 10.95 -25.16
N LEU B 157 32.08 12.05 -25.25
CA LEU B 157 33.44 12.06 -24.71
C LEU B 157 33.44 11.72 -23.23
N PHE B 158 32.50 12.30 -22.47
CA PHE B 158 32.41 12.01 -21.05
C PHE B 158 32.04 10.55 -20.81
N MET B 159 31.04 10.04 -21.53
CA MET B 159 30.65 8.65 -21.35
C MET B 159 31.76 7.70 -21.76
N ILE B 160 32.63 8.14 -22.68
CA ILE B 160 33.79 7.33 -23.04
C ILE B 160 34.74 7.21 -21.86
N ALA B 161 34.97 8.31 -21.14
CA ALA B 161 35.83 8.25 -19.96
C ALA B 161 35.15 7.50 -18.82
N THR B 162 33.81 7.47 -18.80
CA THR B 162 33.11 6.69 -17.78
C THR B 162 33.16 5.19 -18.10
N ILE B 163 32.89 4.83 -19.36
CA ILE B 163 33.05 3.44 -19.80
C ILE B 163 34.46 2.95 -19.51
N TRP B 164 35.46 3.79 -19.81
CA TRP B 164 36.84 3.36 -19.66
C TRP B 164 37.17 3.01 -18.22
N ILE B 165 36.71 3.82 -17.27
CA ILE B 165 37.08 3.60 -15.87
C ILE B 165 36.39 2.36 -15.32
N VAL B 166 35.11 2.17 -15.66
CA VAL B 166 34.40 0.98 -15.18
C VAL B 166 34.95 -0.27 -15.86
N ALA B 167 35.45 -0.15 -17.08
CA ALA B 167 35.97 -1.32 -17.79
C ALA B 167 37.30 -1.78 -17.23
N ILE B 168 38.06 -0.90 -16.56
CA ILE B 168 39.36 -1.30 -16.05
C ILE B 168 39.21 -2.16 -14.80
N GLY B 169 38.34 -1.76 -13.88
CA GLY B 169 38.06 -2.59 -12.74
C GLY B 169 37.81 -1.77 -11.49
N VAL B 170 37.43 -2.48 -10.43
CA VAL B 170 37.22 -1.85 -9.13
C VAL B 170 38.55 -1.50 -8.48
N LYS B 171 39.49 -2.45 -8.42
CA LYS B 171 40.78 -2.19 -7.80
C LYS B 171 41.67 -1.34 -8.68
N LYS B 172 41.56 -1.48 -10.00
CA LYS B 172 42.45 -0.77 -10.91
C LYS B 172 41.88 0.57 -11.39
N GLY B 173 40.56 0.73 -11.41
CA GLY B 173 39.96 1.93 -11.96
C GLY B 173 39.25 2.81 -10.95
N ILE B 174 38.17 2.28 -10.35
CA ILE B 174 37.38 3.07 -9.40
C ILE B 174 38.23 3.49 -8.21
N GLU B 175 39.06 2.58 -7.70
CA GLU B 175 39.78 2.81 -6.46
C GLU B 175 40.98 3.72 -6.64
N ARG B 176 41.58 3.74 -7.85
CA ARG B 176 42.78 4.52 -8.11
C ARG B 176 42.49 5.96 -8.51
N SER B 177 41.34 6.51 -8.07
CA SER B 177 41.04 7.91 -8.33
C SER B 177 41.94 8.82 -7.49
N ASN B 178 42.05 10.07 -7.92
CA ASN B 178 42.97 11.01 -7.30
C ASN B 178 42.38 11.57 -6.02
N LYS B 179 43.06 11.31 -4.89
CA LYS B 179 42.56 11.71 -3.58
C LYS B 179 42.72 13.20 -3.31
N ILE B 180 43.32 13.97 -4.22
CA ILE B 180 43.47 15.41 -4.02
C ILE B 180 42.35 16.21 -4.67
N LEU B 181 41.61 15.61 -5.61
CA LEU B 181 40.68 16.38 -6.44
C LEU B 181 39.42 16.78 -5.67
N MET B 182 38.88 15.89 -4.82
CA MET B 182 37.70 16.29 -4.05
C MET B 182 38.04 17.37 -3.02
N PRO B 183 39.11 17.27 -2.23
CA PRO B 183 39.42 18.39 -1.32
C PRO B 183 39.62 19.70 -2.05
N LEU B 184 40.40 19.71 -3.12
CA LEU B 184 40.63 20.92 -3.90
C LEU B 184 39.31 21.50 -4.40
N LEU B 185 38.37 20.66 -4.83
CA LEU B 185 37.05 21.14 -5.18
C LEU B 185 36.38 21.80 -3.97
N GLY B 186 36.47 21.18 -2.80
CA GLY B 186 35.88 21.76 -1.61
C GLY B 186 36.53 23.08 -1.22
N VAL B 187 37.86 23.14 -1.29
CA VAL B 187 38.57 24.38 -0.92
C VAL B 187 38.19 25.51 -1.87
N LEU B 188 38.07 25.21 -3.16
CA LEU B 188 37.72 26.23 -4.13
C LEU B 188 36.28 26.70 -3.94
N LEU B 189 35.37 25.81 -3.53
CA LEU B 189 33.99 26.20 -3.29
C LEU B 189 33.89 27.18 -2.12
N ILE B 190 34.58 26.87 -1.02
CA ILE B 190 34.65 27.80 0.10
C ILE B 190 35.21 29.14 -0.36
N ALA B 191 36.29 29.10 -1.15
CA ALA B 191 36.86 30.33 -1.68
C ALA B 191 35.84 31.09 -2.52
N LEU B 192 35.08 30.38 -3.35
CA LEU B 192 34.09 31.03 -4.19
C LEU B 192 32.85 31.44 -3.40
N ALA B 193 32.55 30.77 -2.29
CA ALA B 193 31.48 31.22 -1.42
C ALA B 193 31.84 32.53 -0.74
N ILE B 194 33.08 32.63 -0.26
CA ILE B 194 33.53 33.86 0.41
C ILE B 194 33.46 35.03 -0.55
N TYR B 195 33.89 34.84 -1.80
CA TYR B 195 33.91 35.93 -2.76
C TYR B 195 32.50 36.43 -3.07
N SER B 196 31.57 35.50 -3.31
CA SER B 196 30.23 35.90 -3.69
C SER B 196 29.50 36.62 -2.56
N LEU B 197 29.91 36.43 -1.31
CA LEU B 197 29.32 37.17 -0.21
C LEU B 197 29.63 38.66 -0.27
N THR B 198 30.65 39.03 -1.04
CA THR B 198 31.11 40.41 -1.12
C THR B 198 30.54 41.17 -2.32
N LEU B 199 29.68 40.54 -3.10
CA LEU B 199 29.24 41.12 -4.37
C LEU B 199 27.98 41.95 -4.26
N GLY B 200 27.43 42.14 -3.06
CA GLY B 200 26.30 43.01 -2.87
C GLY B 200 24.95 42.34 -2.79
N GLY B 201 24.88 41.01 -2.98
CA GLY B 201 23.61 40.31 -2.92
C GLY B 201 23.54 39.30 -1.78
N ALA B 202 24.45 39.42 -0.82
CA ALA B 202 24.53 38.43 0.24
C ALA B 202 23.43 38.60 1.29
N LYS B 203 22.83 39.78 1.38
CA LYS B 203 21.71 39.92 2.31
C LYS B 203 20.47 39.23 1.79
N GLU B 204 20.09 39.51 0.53
CA GLU B 204 18.95 38.81 -0.06
C GLU B 204 19.28 37.35 -0.34
N GLY B 205 20.53 37.04 -0.69
CA GLY B 205 20.89 35.66 -0.96
C GLY B 205 20.84 34.78 0.28
N LEU B 206 21.45 35.25 1.37
CA LEU B 206 21.46 34.46 2.60
C LEU B 206 20.08 34.42 3.25
N ALA B 207 19.27 35.46 3.07
CA ALA B 207 17.90 35.41 3.56
C ALA B 207 17.08 34.41 2.76
N PHE B 208 17.25 34.40 1.43
CA PHE B 208 16.55 33.45 0.58
C PHE B 208 16.84 32.01 1.00
N LEU B 209 18.10 31.73 1.36
CA LEU B 209 18.54 30.37 1.63
C LEU B 209 18.39 29.94 3.09
N PHE B 210 18.34 30.89 4.03
CA PHE B 210 18.32 30.55 5.45
C PHE B 210 17.14 31.11 6.23
N SER B 211 16.34 32.03 5.66
CA SER B 211 15.18 32.55 6.36
C SER B 211 13.93 31.85 5.86
N PRO B 212 13.34 30.92 6.62
CA PRO B 212 12.25 30.09 6.08
C PRO B 212 10.94 30.85 5.88
N ASP B 213 10.59 31.08 4.61
CA ASP B 213 9.23 31.50 4.26
C ASP B 213 8.33 30.28 4.42
N TRP B 214 7.61 30.21 5.54
CA TRP B 214 6.87 29.00 5.89
C TRP B 214 5.65 28.74 5.01
N SER B 215 5.37 29.57 4.01
CA SER B 215 4.21 29.34 3.16
C SER B 215 4.29 28.01 2.43
N ALA B 216 5.50 27.59 2.04
CA ALA B 216 5.69 26.38 1.25
C ALA B 216 5.67 25.10 2.09
N LEU B 217 5.44 25.20 3.40
CA LEU B 217 5.44 24.00 4.24
C LEU B 217 4.19 23.17 4.06
N LYS B 218 3.11 23.76 3.56
CA LYS B 218 1.84 23.04 3.38
C LYS B 218 1.57 22.73 1.90
N ASP B 219 2.59 22.85 1.05
CA ASP B 219 2.51 22.43 -0.34
C ASP B 219 3.16 21.05 -0.46
N PRO B 220 2.40 20.01 -0.81
CA PRO B 220 2.98 18.65 -0.80
C PRO B 220 4.10 18.45 -1.80
N GLY B 221 4.15 19.21 -2.89
CA GLY B 221 5.20 19.04 -3.88
C GLY B 221 6.57 19.42 -3.40
N VAL B 222 6.66 20.25 -2.35
CA VAL B 222 7.96 20.66 -1.82
C VAL B 222 8.61 19.53 -1.02
N TYR B 223 7.80 18.59 -0.51
CA TYR B 223 8.36 17.46 0.21
C TYR B 223 8.90 16.41 -0.73
N LEU B 224 8.22 16.18 -1.86
CA LEU B 224 8.75 15.27 -2.87
C LEU B 224 10.08 15.78 -3.40
N ALA B 225 10.13 17.05 -3.82
CA ALA B 225 11.38 17.63 -4.29
C ALA B 225 12.49 17.51 -3.25
N ALA B 226 12.14 17.68 -1.97
CA ALA B 226 13.13 17.56 -0.91
C ALA B 226 13.58 16.11 -0.75
N ILE B 227 12.62 15.18 -0.73
CA ILE B 227 12.98 13.77 -0.59
C ILE B 227 13.63 13.25 -1.87
N SER B 228 13.24 13.80 -3.04
CA SER B 228 13.91 13.41 -4.28
C SER B 228 15.35 13.89 -4.27
N GLN B 229 15.57 15.18 -4.01
CA GLN B 229 16.92 15.72 -3.98
C GLN B 229 17.77 15.04 -2.93
N ALA B 230 17.19 14.71 -1.78
CA ALA B 230 17.93 14.02 -0.73
C ALA B 230 18.38 12.64 -1.17
N PHE B 231 17.45 11.87 -1.77
CA PHE B 231 17.82 10.56 -2.28
C PHE B 231 18.81 10.68 -3.43
N PHE B 232 18.56 11.61 -4.36
CA PHE B 232 19.41 11.78 -5.53
C PHE B 232 20.85 12.09 -5.13
N THR B 233 21.04 12.98 -4.15
CA THR B 233 22.37 13.48 -3.85
C THR B 233 23.23 12.42 -3.16
N LEU B 234 22.61 11.44 -2.50
CA LEU B 234 23.33 10.44 -1.73
C LEU B 234 23.51 9.12 -2.46
N SER B 235 23.09 9.04 -3.73
CA SER B 235 23.15 7.81 -4.52
C SER B 235 22.26 6.72 -3.91
N LEU B 236 21.07 7.10 -3.48
CA LEU B 236 20.12 6.19 -2.84
C LEU B 236 19.09 5.70 -3.86
N GLY B 237 18.76 4.42 -3.78
CA GLY B 237 17.76 3.86 -4.66
C GLY B 237 18.17 3.75 -6.10
N MET B 238 19.46 3.93 -6.41
CA MET B 238 19.99 3.67 -7.74
C MET B 238 21.00 2.53 -7.73
N GLY B 239 20.97 1.69 -6.69
CA GLY B 239 21.84 0.54 -6.58
C GLY B 239 23.29 0.84 -6.30
N ALA B 240 23.68 2.12 -6.23
CA ALA B 240 25.09 2.47 -6.19
C ALA B 240 25.76 2.00 -4.90
N LEU B 241 25.14 2.33 -3.75
CA LEU B 241 25.76 2.02 -2.47
C LEU B 241 25.66 0.55 -2.07
N ILE B 242 24.67 -0.18 -2.60
CA ILE B 242 24.65 -1.63 -2.40
C ILE B 242 25.83 -2.27 -3.10
N THR B 243 26.17 -1.77 -4.29
CA THR B 243 27.28 -2.35 -5.05
C THR B 243 28.62 -2.00 -4.43
N TYR B 244 28.79 -0.77 -3.94
CA TYR B 244 30.04 -0.42 -3.29
C TYR B 244 30.17 -1.08 -1.93
N GLY B 245 29.05 -1.35 -1.26
CA GLY B 245 29.10 -2.15 -0.05
C GLY B 245 29.38 -3.61 -0.33
N SER B 246 28.97 -4.11 -1.50
CA SER B 246 29.24 -5.49 -1.89
C SER B 246 30.71 -5.74 -2.18
N TYR B 247 31.55 -4.71 -2.14
CA TYR B 247 32.99 -4.85 -2.33
C TYR B 247 33.75 -4.70 -1.03
N VAL B 248 33.06 -4.67 0.11
CA VAL B 248 33.69 -4.45 1.41
C VAL B 248 33.79 -5.77 2.15
N SER B 249 34.87 -5.93 2.91
CA SER B 249 35.02 -7.08 3.80
C SER B 249 34.43 -6.76 5.17
N LYS B 250 34.32 -7.80 6.00
CA LYS B 250 33.68 -7.64 7.30
C LYS B 250 34.46 -6.74 8.25
N ASP B 251 35.75 -6.53 7.98
CA ASP B 251 36.60 -5.76 8.89
C ASP B 251 36.08 -4.34 9.09
N SER B 252 35.34 -3.81 8.12
CA SER B 252 34.98 -2.41 8.12
C SER B 252 33.84 -2.13 9.11
N ARG B 253 33.80 -0.88 9.58
CA ARG B 253 32.71 -0.37 10.40
C ARG B 253 31.86 0.56 9.54
N LEU B 254 30.61 0.19 9.35
CA LEU B 254 29.67 0.87 8.46
C LEU B 254 29.00 2.11 9.05
N PRO B 255 28.64 2.14 10.35
CA PRO B 255 27.92 3.33 10.85
C PRO B 255 28.68 4.64 10.67
N GLY B 256 29.99 4.65 10.94
CA GLY B 256 30.76 5.86 10.70
C GLY B 256 30.85 6.24 9.24
N ALA B 257 30.78 5.24 8.35
CA ALA B 257 30.84 5.52 6.92
C ALA B 257 29.55 6.17 6.42
N ALA B 258 28.40 5.76 6.96
CA ALA B 258 27.14 6.34 6.51
C ALA B 258 27.06 7.81 6.90
N VAL B 259 27.62 8.18 8.05
CA VAL B 259 27.52 9.55 8.52
C VAL B 259 28.59 10.42 7.87
N SER B 260 29.78 9.86 7.63
CA SER B 260 30.83 10.62 6.95
C SER B 260 30.45 10.96 5.52
N VAL B 261 29.72 10.08 4.84
CA VAL B 261 29.35 10.32 3.46
C VAL B 261 28.18 11.31 3.37
N ALA B 262 27.14 11.10 4.17
CA ALA B 262 26.00 12.00 4.17
C ALA B 262 26.35 13.37 4.74
N GLY B 263 27.38 13.45 5.59
CA GLY B 263 27.80 14.72 6.16
C GLY B 263 28.68 15.53 5.23
N LEU B 264 29.64 14.86 4.57
CA LEU B 264 30.47 15.55 3.59
C LEU B 264 29.63 16.00 2.40
N ASP B 265 28.68 15.18 1.97
CA ASP B 265 27.83 15.54 0.84
C ASP B 265 26.90 16.69 1.19
N THR B 266 26.41 16.74 2.44
CA THR B 266 25.56 17.85 2.86
C THR B 266 26.37 19.12 3.04
N ALA B 267 27.63 19.01 3.45
CA ALA B 267 28.49 20.17 3.55
C ALA B 267 28.75 20.79 2.18
N PHE B 268 28.88 19.95 1.15
CA PHE B 268 29.12 20.46 -0.19
C PHE B 268 27.93 21.23 -0.73
N ALA B 269 26.72 20.69 -0.55
CA ALA B 269 25.53 21.36 -1.09
C ALA B 269 25.30 22.71 -0.42
N ILE B 270 25.54 22.80 0.90
CA ILE B 270 25.31 24.05 1.61
C ILE B 270 26.31 25.11 1.17
N ILE B 271 27.58 24.74 1.03
CA ILE B 271 28.57 25.69 0.53
C ILE B 271 28.28 26.02 -0.93
N ALA B 272 27.62 25.10 -1.65
CA ALA B 272 27.15 25.42 -2.99
C ALA B 272 26.06 26.48 -2.96
N GLY B 273 25.16 26.42 -1.98
CA GLY B 273 24.10 27.41 -1.89
C GLY B 273 24.61 28.79 -1.54
N ILE B 274 25.64 28.86 -0.69
CA ILE B 274 26.17 30.14 -0.24
C ILE B 274 26.91 30.87 -1.36
N MET B 275 27.41 30.13 -2.34
CA MET B 275 28.05 30.78 -3.50
C MET B 275 27.05 31.15 -4.58
N ILE B 276 26.08 30.28 -4.85
CA ILE B 276 25.17 30.46 -5.98
C ILE B 276 24.25 31.66 -5.74
N PHE B 277 23.58 31.70 -4.60
CA PHE B 277 22.42 32.57 -4.44
C PHE B 277 22.76 34.03 -4.12
N PRO B 278 23.79 34.33 -3.32
CA PRO B 278 24.25 35.73 -3.28
C PRO B 278 24.70 36.23 -4.63
N ALA B 279 25.24 35.35 -5.47
CA ALA B 279 25.60 35.75 -6.83
C ALA B 279 24.36 35.97 -7.68
N VAL B 280 23.31 35.17 -7.48
CA VAL B 280 22.08 35.31 -8.25
C VAL B 280 21.43 36.67 -7.96
N PHE B 281 21.24 36.98 -6.68
CA PHE B 281 20.59 38.24 -6.32
C PHE B 281 21.49 39.44 -6.61
N ALA B 282 22.81 39.26 -6.57
CA ALA B 282 23.70 40.34 -7.00
C ALA B 282 23.53 40.63 -8.49
N LEU B 283 23.39 39.57 -9.30
CA LEU B 283 23.18 39.71 -10.73
C LEU B 283 21.76 40.11 -11.10
N GLY B 284 20.86 40.19 -10.12
CA GLY B 284 19.48 40.55 -10.40
C GLY B 284 18.69 39.48 -11.11
N LEU B 285 19.12 38.23 -11.03
CA LEU B 285 18.47 37.12 -11.73
C LEU B 285 17.50 36.39 -10.82
N SER B 286 16.60 35.63 -11.44
CA SER B 286 15.58 34.89 -10.72
C SER B 286 16.16 33.58 -10.21
N PRO B 287 15.90 33.21 -8.95
CA PRO B 287 16.35 31.90 -8.46
C PRO B 287 15.72 30.74 -9.20
N SER B 288 14.61 30.95 -9.90
CA SER B 288 13.96 29.92 -10.69
C SER B 288 14.51 29.89 -12.11
N GLY B 289 15.83 29.83 -12.23
CA GLY B 289 16.51 29.92 -13.51
C GLY B 289 16.60 28.65 -14.32
N GLY B 290 16.06 27.54 -13.83
CA GLY B 290 16.06 26.30 -14.57
C GLY B 290 17.33 25.50 -14.36
N PRO B 291 17.41 24.33 -15.02
CA PRO B 291 18.60 23.47 -14.89
C PRO B 291 19.90 24.11 -15.34
N GLY B 292 19.87 25.24 -16.04
CA GLY B 292 21.09 25.88 -16.48
C GLY B 292 21.54 27.02 -15.59
N LEU B 293 21.07 27.00 -14.33
CA LEU B 293 21.29 28.13 -13.43
C LEU B 293 22.78 28.38 -13.19
N VAL B 294 23.51 27.34 -12.80
CA VAL B 294 24.92 27.54 -12.48
C VAL B 294 25.72 27.85 -13.73
N PHE B 295 25.26 27.40 -14.89
CA PHE B 295 25.98 27.64 -16.14
C PHE B 295 25.83 29.07 -16.64
N VAL B 296 24.89 29.83 -16.08
CA VAL B 296 24.75 31.25 -16.39
C VAL B 296 25.33 32.12 -15.29
N VAL B 297 25.18 31.68 -14.03
CA VAL B 297 25.60 32.49 -12.90
C VAL B 297 27.11 32.44 -12.72
N LEU B 298 27.69 31.24 -12.76
CA LEU B 298 29.08 31.07 -12.37
C LEU B 298 30.09 31.64 -13.37
N PRO B 299 29.89 31.51 -14.69
CA PRO B 299 30.75 32.25 -15.61
C PRO B 299 30.66 33.76 -15.42
N ASP B 300 29.51 34.25 -14.96
CA ASP B 300 29.36 35.68 -14.70
C ASP B 300 30.22 36.11 -13.53
N ILE B 301 30.29 35.29 -12.47
CA ILE B 301 31.15 35.58 -11.34
C ILE B 301 32.61 35.56 -11.76
N PHE B 302 32.98 34.58 -12.58
CA PHE B 302 34.38 34.46 -13.01
C PHE B 302 34.81 35.65 -13.84
N ASP B 303 33.89 36.26 -14.59
CA ASP B 303 34.26 37.42 -15.39
C ASP B 303 34.57 38.64 -14.52
N SER B 304 33.90 38.77 -13.38
CA SER B 304 34.17 39.87 -12.46
C SER B 304 35.47 39.71 -11.69
N ILE B 305 36.13 38.56 -11.82
CA ILE B 305 37.40 38.29 -11.15
C ILE B 305 38.53 38.55 -12.13
N ARG B 306 39.60 39.17 -11.65
CA ARG B 306 40.74 39.49 -12.52
C ARG B 306 41.37 38.22 -13.08
N LEU B 307 41.61 37.24 -12.22
CA LEU B 307 42.11 35.94 -12.64
C LEU B 307 41.00 34.93 -12.86
N GLY B 308 39.78 35.40 -13.14
CA GLY B 308 38.66 34.52 -13.37
C GLY B 308 38.87 33.42 -14.39
N PRO B 309 39.48 33.72 -15.55
CA PRO B 309 39.81 32.63 -16.48
C PRO B 309 40.55 31.47 -15.85
N ILE B 310 41.42 31.74 -14.88
CA ILE B 310 42.12 30.66 -14.19
C ILE B 310 41.18 29.97 -13.19
N VAL B 311 40.31 30.75 -12.53
CA VAL B 311 39.38 30.17 -11.56
C VAL B 311 38.35 29.30 -12.28
N GLY B 312 37.88 29.74 -13.45
CA GLY B 312 36.92 28.95 -14.21
C GLY B 312 37.50 27.63 -14.67
N ILE B 313 38.75 27.64 -15.13
CA ILE B 313 39.40 26.40 -15.56
C ILE B 313 39.49 25.42 -14.39
N ALA B 314 39.95 25.91 -13.24
CA ALA B 314 40.07 25.05 -12.06
C ALA B 314 38.70 24.58 -11.57
N PHE B 315 37.67 25.42 -11.68
CA PHE B 315 36.35 25.01 -11.24
C PHE B 315 35.82 23.85 -12.07
N PHE B 316 36.02 23.90 -13.38
CA PHE B 316 35.43 22.90 -14.26
C PHE B 316 36.30 21.66 -14.44
N ILE B 317 37.58 21.71 -14.08
CA ILE B 317 38.37 20.49 -13.95
C ILE B 317 37.96 19.74 -12.70
N LEU B 318 37.85 20.45 -11.57
CA LEU B 318 37.54 19.81 -10.30
C LEU B 318 36.09 19.35 -10.25
N LEU B 319 35.17 20.08 -10.90
CA LEU B 319 33.80 19.59 -10.97
C LEU B 319 33.69 18.42 -11.94
N GLY B 320 34.46 18.46 -13.02
CA GLY B 320 34.51 17.31 -13.92
C GLY B 320 35.02 16.06 -13.21
N ALA B 321 36.01 16.23 -12.33
CA ALA B 321 36.47 15.11 -11.51
C ALA B 321 35.39 14.63 -10.57
N ALA B 322 34.60 15.55 -10.03
CA ALA B 322 33.48 15.17 -9.18
C ALA B 322 32.42 14.43 -9.98
N ALA B 323 32.13 14.89 -11.20
CA ALA B 323 31.06 14.29 -11.99
C ALA B 323 31.47 12.95 -12.58
N LEU B 324 32.75 12.76 -12.91
CA LEU B 324 33.19 11.49 -13.48
C LEU B 324 33.12 10.37 -12.45
N SER B 325 33.50 10.64 -11.21
CA SER B 325 33.45 9.62 -10.18
C SER B 325 32.03 9.24 -9.80
N SER B 326 31.06 10.12 -10.02
CA SER B 326 29.66 9.78 -9.74
C SER B 326 29.05 8.99 -10.89
N ALA B 327 29.34 9.39 -12.13
CA ALA B 327 28.88 8.61 -13.28
C ALA B 327 29.48 7.22 -13.27
N VAL B 328 30.75 7.11 -12.86
CA VAL B 328 31.39 5.80 -12.76
C VAL B 328 30.67 4.94 -11.73
N SER B 329 30.27 5.53 -10.61
CA SER B 329 29.54 4.78 -9.60
C SER B 329 28.17 4.35 -10.11
N LEU B 330 27.61 5.09 -11.05
CA LEU B 330 26.30 4.73 -11.61
C LEU B 330 26.42 3.59 -12.61
N LEU B 331 27.33 3.72 -13.58
CA LEU B 331 27.49 2.67 -14.58
C LEU B 331 27.94 1.35 -13.98
N GLU B 332 28.57 1.38 -12.81
CA GLU B 332 28.99 0.14 -12.15
C GLU B 332 27.80 -0.72 -11.76
N VAL B 333 26.66 -0.10 -11.48
CA VAL B 333 25.47 -0.81 -10.97
C VAL B 333 24.96 -1.80 -12.00
N PRO B 334 24.63 -1.40 -13.24
CA PRO B 334 24.19 -2.42 -14.22
C PRO B 334 25.34 -3.26 -14.75
N VAL B 335 26.58 -2.77 -14.71
CA VAL B 335 27.71 -3.58 -15.16
C VAL B 335 27.90 -4.78 -14.23
N ALA B 336 27.68 -4.57 -12.92
CA ALA B 336 27.79 -5.68 -11.98
C ALA B 336 26.63 -6.65 -12.10
N TYR B 337 25.46 -6.17 -12.51
CA TYR B 337 24.28 -7.03 -12.64
C TYR B 337 24.34 -7.87 -13.92
N PHE B 338 24.78 -7.26 -15.02
CA PHE B 338 24.88 -8.00 -16.28
C PHE B 338 26.10 -8.92 -16.34
N MET B 339 27.12 -8.68 -15.51
CA MET B 339 28.23 -9.62 -15.42
C MET B 339 27.75 -10.94 -14.83
N ARG B 340 27.06 -10.89 -13.68
CA ARG B 340 26.51 -12.10 -13.09
C ARG B 340 25.43 -12.71 -13.97
N LYS B 341 24.38 -11.93 -14.25
CA LYS B 341 23.16 -12.50 -14.83
C LYS B 341 23.41 -13.14 -16.20
N PHE B 342 24.36 -12.61 -16.97
CA PHE B 342 24.52 -13.04 -18.35
C PHE B 342 25.95 -13.44 -18.69
N ASP B 343 26.80 -13.66 -17.69
CA ASP B 343 28.19 -14.10 -17.90
C ASP B 343 29.00 -13.12 -18.75
N TRP B 344 28.56 -11.86 -18.83
CA TRP B 344 29.31 -10.88 -19.61
C TRP B 344 30.60 -10.51 -18.88
N SER B 345 31.61 -10.15 -19.67
CA SER B 345 32.85 -9.67 -19.08
C SER B 345 32.73 -8.20 -18.71
N ARG B 346 33.57 -7.76 -17.78
CA ARG B 346 33.54 -6.36 -17.35
C ARG B 346 33.74 -5.42 -18.54
N LYS B 347 34.71 -5.73 -19.39
CA LYS B 347 34.96 -4.91 -20.57
C LYS B 347 33.76 -4.94 -21.52
N GLN B 348 33.10 -6.09 -21.64
CA GLN B 348 31.94 -6.21 -22.52
C GLN B 348 30.74 -5.47 -21.96
N ALA B 349 30.55 -5.51 -20.64
CA ALA B 349 29.39 -4.86 -20.05
C ALA B 349 29.53 -3.35 -20.04
N ALA B 350 30.73 -2.85 -19.74
CA ALA B 350 30.93 -1.40 -19.66
C ALA B 350 30.70 -0.74 -21.02
N ILE B 351 31.20 -1.33 -22.09
CA ILE B 351 31.06 -0.73 -23.42
C ILE B 351 29.62 -0.88 -23.92
N THR B 352 29.06 -2.08 -23.77
CA THR B 352 27.69 -2.31 -24.23
C THR B 352 26.70 -1.43 -23.50
N LEU B 353 26.73 -1.46 -22.16
CA LEU B 353 25.81 -0.65 -21.38
C LEU B 353 26.15 0.83 -21.45
N GLY B 354 27.43 1.17 -21.61
CA GLY B 354 27.80 2.58 -21.70
C GLY B 354 27.22 3.25 -22.93
N VAL B 355 27.32 2.60 -24.09
CA VAL B 355 26.79 3.16 -25.32
C VAL B 355 25.26 3.16 -25.30
N ILE B 356 24.64 2.15 -24.67
CA ILE B 356 23.19 2.08 -24.61
C ILE B 356 22.63 3.23 -23.77
N ILE B 357 23.29 3.57 -22.67
CA ILE B 357 22.82 4.66 -21.83
C ILE B 357 23.02 6.00 -22.53
N THR B 358 24.15 6.15 -23.23
CA THR B 358 24.44 7.41 -23.94
C THR B 358 23.35 7.74 -24.94
N LEU B 359 22.93 6.76 -25.73
CA LEU B 359 21.89 6.99 -26.72
C LEU B 359 20.56 7.37 -26.07
N LEU B 360 20.25 6.82 -24.89
CA LEU B 360 19.03 7.17 -24.20
C LEU B 360 19.04 8.60 -23.68
N GLY B 361 20.22 9.18 -23.46
CA GLY B 361 20.29 10.58 -23.08
C GLY B 361 20.21 11.56 -24.23
N ILE B 362 20.38 11.06 -25.46
CA ILE B 362 20.29 11.94 -26.63
C ILE B 362 18.93 12.64 -26.71
N PRO B 363 17.79 11.97 -26.50
CA PRO B 363 16.52 12.72 -26.47
C PRO B 363 16.47 13.70 -25.31
N SER B 364 17.04 13.34 -24.16
CA SER B 364 17.10 14.28 -23.05
C SER B 364 17.94 15.50 -23.40
N SER B 365 19.05 15.29 -24.11
CA SER B 365 19.86 16.42 -24.57
C SER B 365 19.11 17.24 -25.61
N LEU B 366 18.43 16.57 -26.54
CA LEU B 366 17.66 17.26 -27.57
C LEU B 366 16.48 18.04 -27.00
N SER B 367 15.99 17.65 -25.82
CA SER B 367 14.84 18.31 -25.21
C SER B 367 15.10 19.78 -24.87
N PHE B 368 16.35 20.23 -24.91
CA PHE B 368 16.67 21.64 -24.71
C PHE B 368 16.66 22.42 -26.02
N GLY B 369 16.54 21.75 -27.16
CA GLY B 369 16.47 22.41 -28.44
C GLY B 369 15.26 21.99 -29.25
N VAL B 370 15.49 21.14 -30.25
CA VAL B 370 14.44 20.82 -31.22
C VAL B 370 13.27 20.09 -30.56
N LEU B 371 13.52 19.33 -29.50
CA LEU B 371 12.48 18.61 -28.79
C LEU B 371 11.94 19.37 -27.59
N GLY B 372 12.09 20.70 -27.58
CA GLY B 372 11.78 21.48 -26.40
C GLY B 372 10.31 21.48 -26.02
N GLU B 373 9.42 21.19 -26.96
CA GLU B 373 7.98 21.21 -26.70
C GLU B 373 7.37 19.82 -26.58
N VAL B 374 8.07 18.76 -27.02
CA VAL B 374 7.58 17.41 -26.80
C VAL B 374 7.51 17.14 -25.30
N THR B 375 6.40 16.54 -24.86
CA THR B 375 6.22 16.19 -23.46
C THR B 375 5.92 14.71 -23.34
N ILE B 376 6.42 14.11 -22.27
CA ILE B 376 6.12 12.72 -21.93
C ILE B 376 5.18 12.64 -20.73
N ILE B 377 5.62 13.12 -19.58
CA ILE B 377 4.72 13.29 -18.44
C ILE B 377 4.00 14.63 -18.60
N PRO B 378 2.66 14.65 -18.53
CA PRO B 378 1.89 15.87 -18.84
C PRO B 378 2.45 17.13 -18.18
N GLY B 379 2.93 18.05 -19.00
CA GLY B 379 3.52 19.28 -18.52
C GLY B 379 5.01 19.22 -18.29
N LEU B 380 5.71 18.22 -18.83
CA LEU B 380 7.14 18.05 -18.63
C LEU B 380 7.77 17.56 -19.92
N ASN B 381 8.87 18.18 -20.34
CA ASN B 381 9.55 17.74 -21.55
C ASN B 381 10.32 16.44 -21.27
N ILE B 382 11.18 16.05 -22.21
CA ILE B 382 11.81 14.73 -22.13
C ILE B 382 12.79 14.66 -20.96
N PHE B 383 13.64 15.68 -20.83
CA PHE B 383 14.64 15.67 -19.75
C PHE B 383 13.98 15.64 -18.39
N ASP B 384 12.98 16.50 -18.17
CA ASP B 384 12.34 16.58 -16.87
C ASP B 384 11.50 15.35 -16.58
N SER B 385 10.91 14.74 -17.62
CA SER B 385 10.11 13.53 -17.40
C SER B 385 10.99 12.38 -16.95
N VAL B 386 12.20 12.26 -17.50
CA VAL B 386 13.11 11.21 -17.07
C VAL B 386 13.61 11.48 -15.65
N ASP B 387 14.08 12.70 -15.39
CA ASP B 387 14.50 13.07 -14.05
C ASP B 387 13.38 12.80 -13.04
N PHE B 388 12.15 13.15 -13.40
CA PHE B 388 11.03 12.97 -12.46
C PHE B 388 10.78 11.50 -12.18
N ILE B 389 10.69 10.68 -13.23
CA ILE B 389 10.40 9.26 -13.04
C ILE B 389 11.47 8.61 -12.18
N ALA B 390 12.73 8.87 -12.50
CA ALA B 390 13.81 8.26 -11.74
C ALA B 390 13.92 8.87 -10.35
N SER B 391 14.07 10.19 -10.27
CA SER B 391 14.41 10.85 -9.02
C SER B 391 13.23 11.02 -8.07
N SER B 392 12.00 11.05 -8.58
CA SER B 392 10.84 11.28 -7.73
C SER B 392 9.88 10.09 -7.65
N VAL B 393 10.03 9.08 -8.50
CA VAL B 393 9.20 7.87 -8.44
C VAL B 393 10.02 6.66 -8.03
N PHE B 394 11.10 6.38 -8.77
CA PHE B 394 11.88 5.18 -8.50
C PHE B 394 12.72 5.31 -7.22
N LEU B 395 13.39 6.45 -7.05
CA LEU B 395 14.33 6.59 -5.93
C LEU B 395 13.65 6.48 -4.58
N PRO B 396 12.63 7.29 -4.24
CA PRO B 396 12.03 7.16 -2.90
C PRO B 396 11.22 5.88 -2.72
N LEU B 397 10.74 5.26 -3.80
CA LEU B 397 10.02 3.99 -3.66
C LEU B 397 10.98 2.83 -3.43
N GLY B 398 12.11 2.81 -4.15
CA GLY B 398 13.12 1.81 -3.88
C GLY B 398 13.70 1.95 -2.49
N GLY B 399 13.82 3.18 -2.00
CA GLY B 399 14.30 3.40 -0.65
C GLY B 399 13.34 2.87 0.40
N MET B 400 12.04 3.15 0.23
CA MET B 400 11.04 2.67 1.18
C MET B 400 11.04 1.15 1.23
N ILE B 401 11.24 0.50 0.09
CA ILE B 401 11.25 -0.96 0.07
C ILE B 401 12.56 -1.51 0.65
N ILE B 402 13.65 -0.73 0.57
CA ILE B 402 14.88 -1.13 1.21
C ILE B 402 14.77 -1.02 2.72
N ALA B 403 14.07 0.01 3.20
CA ALA B 403 13.90 0.20 4.64
C ALA B 403 13.00 -0.87 5.23
N LEU B 404 11.85 -1.13 4.59
CA LEU B 404 10.97 -2.19 5.05
C LEU B 404 11.64 -3.56 4.97
N PHE B 405 12.56 -3.74 4.02
CA PHE B 405 13.25 -5.02 3.89
C PHE B 405 14.08 -5.32 5.13
N ILE B 406 14.85 -4.35 5.60
CA ILE B 406 15.62 -4.57 6.82
C ILE B 406 14.76 -4.33 8.05
N GLY B 407 13.78 -3.42 7.95
CA GLY B 407 12.94 -3.13 9.11
C GLY B 407 12.06 -4.30 9.51
N TRP B 408 11.50 -5.01 8.53
CA TRP B 408 10.55 -6.08 8.82
C TRP B 408 10.94 -7.43 8.23
N GLY B 409 12.01 -7.50 7.44
CA GLY B 409 12.38 -8.75 6.80
C GLY B 409 13.64 -9.39 7.33
N TRP B 410 14.26 -8.75 8.32
CA TRP B 410 15.43 -9.28 9.00
C TRP B 410 15.14 -9.46 10.48
N LYS B 411 15.72 -10.50 11.07
CA LYS B 411 15.74 -10.59 12.53
C LYS B 411 16.46 -9.38 13.11
N THR B 412 15.86 -8.77 14.13
CA THR B 412 16.44 -7.55 14.69
C THR B 412 17.86 -7.79 15.18
N SER B 413 18.14 -8.99 15.70
CA SER B 413 19.48 -9.33 16.11
C SER B 413 20.44 -9.37 14.91
N ASP B 414 19.93 -9.82 13.75
CA ASP B 414 20.77 -9.90 12.55
C ASP B 414 21.02 -8.54 11.92
N ALA B 415 20.08 -7.59 12.07
CA ALA B 415 20.30 -6.27 11.50
C ALA B 415 21.39 -5.51 12.26
N LEU B 416 21.39 -5.59 13.59
CA LEU B 416 22.35 -4.83 14.39
C LEU B 416 23.76 -5.42 14.30
N ALA B 417 23.89 -6.70 13.95
CA ALA B 417 25.21 -7.32 13.89
C ALA B 417 25.93 -6.97 12.60
N GLU B 418 25.24 -7.10 11.45
CA GLU B 418 25.86 -6.78 10.16
C GLU B 418 26.00 -5.28 9.92
N SER B 419 25.29 -4.46 10.70
CA SER B 419 25.44 -3.01 10.62
C SER B 419 26.41 -2.46 11.65
N ASP B 420 26.95 -3.30 12.54
CA ASP B 420 27.92 -2.90 13.56
C ASP B 420 27.33 -1.92 14.56
N LEU B 421 26.03 -2.03 14.85
CA LEU B 421 25.32 -1.13 15.75
C LEU B 421 24.72 -1.86 16.94
N THR B 422 25.32 -3.00 17.32
CA THR B 422 24.75 -3.91 18.30
C THR B 422 24.36 -3.23 19.61
N ASP B 423 25.35 -2.82 20.40
CA ASP B 423 25.12 -2.39 21.78
C ASP B 423 24.91 -0.90 21.93
N SER B 424 24.63 -0.19 20.83
CA SER B 424 24.43 1.25 20.89
C SER B 424 22.94 1.57 20.83
N VAL B 425 22.57 2.69 21.45
CA VAL B 425 21.21 3.21 21.30
C VAL B 425 20.93 3.51 19.82
N TRP B 426 21.98 3.86 19.07
CA TRP B 426 21.82 4.14 17.64
C TRP B 426 21.25 2.94 16.90
N GLY B 427 21.76 1.74 17.20
CA GLY B 427 21.20 0.54 16.57
C GLY B 427 19.71 0.43 16.74
N LYS B 428 19.20 0.76 17.94
CA LYS B 428 17.77 0.68 18.19
C LYS B 428 17.02 1.84 17.54
N LEU B 429 17.62 3.04 17.55
CA LEU B 429 17.05 4.16 16.83
C LEU B 429 16.98 3.86 15.33
N TRP B 430 18.03 3.24 14.79
CA TRP B 430 18.09 2.93 13.37
C TRP B 430 16.99 1.95 12.97
N ILE B 431 16.76 0.93 13.80
CA ILE B 431 15.66 -0.01 13.54
C ILE B 431 14.34 0.74 13.49
N LEU B 432 14.12 1.67 14.43
CA LEU B 432 12.88 2.43 14.46
C LEU B 432 12.65 3.19 13.17
N SER B 433 13.71 3.80 12.63
CA SER B 433 13.58 4.60 11.41
C SER B 433 13.24 3.73 10.21
N LEU B 434 14.01 2.66 10.02
CA LEU B 434 13.75 1.75 8.91
C LEU B 434 12.39 1.08 9.03
N ARG B 435 11.98 0.75 10.25
CA ARG B 435 10.76 -0.01 10.46
C ARG B 435 9.52 0.86 10.32
N PHE B 436 9.54 2.06 10.90
CA PHE B 436 8.38 2.94 10.90
C PHE B 436 8.65 4.28 10.24
N ILE B 437 9.67 5.02 10.70
CA ILE B 437 9.79 6.43 10.33
C ILE B 437 10.06 6.58 8.84
N ALA B 438 11.06 5.84 8.32
CA ALA B 438 11.41 5.97 6.91
C ALA B 438 10.27 5.61 5.97
N PRO B 439 9.59 4.44 6.11
CA PRO B 439 8.51 4.15 5.14
C PRO B 439 7.28 5.02 5.31
N ILE B 440 6.87 5.30 6.55
CA ILE B 440 5.65 6.08 6.75
C ILE B 440 5.83 7.52 6.25
N ALA B 441 6.98 8.13 6.54
CA ALA B 441 7.21 9.50 6.08
C ALA B 441 7.25 9.58 4.57
N ILE B 442 7.87 8.58 3.92
CA ILE B 442 7.93 8.58 2.46
C ILE B 442 6.55 8.30 1.86
N LEU B 443 5.84 7.32 2.42
CA LEU B 443 4.48 7.03 1.97
C LEU B 443 3.60 8.26 2.03
N ILE B 444 3.68 9.02 3.13
CA ILE B 444 2.85 10.22 3.27
C ILE B 444 3.23 11.26 2.21
N VAL B 445 4.52 11.44 1.95
CA VAL B 445 4.94 12.36 0.91
C VAL B 445 4.41 11.92 -0.44
N PHE B 446 4.45 10.61 -0.72
CA PHE B 446 3.98 10.11 -2.00
C PHE B 446 2.49 10.36 -2.19
N LEU B 447 1.68 10.06 -1.17
CA LEU B 447 0.23 10.08 -1.32
C LEU B 447 -0.30 11.51 -1.48
N SER B 448 0.40 12.49 -0.92
CA SER B 448 -0.03 13.89 -1.04
C SER B 448 0.47 14.54 -2.32
N ALA B 449 1.64 14.13 -2.82
CA ALA B 449 2.24 14.75 -3.99
C ALA B 449 1.60 14.30 -5.31
N PHE B 450 0.93 13.15 -5.32
CA PHE B 450 0.27 12.62 -6.51
C PHE B 450 -1.23 12.58 -6.27
N GLN B 451 -2.00 13.13 -7.21
CA GLN B 451 -3.44 13.25 -7.04
C GLN B 451 -4.22 12.01 -7.44
N ILE B 452 -3.55 10.97 -7.98
CA ILE B 452 -4.27 9.73 -8.26
C ILE B 452 -4.75 9.09 -6.97
N PHE B 453 -3.95 9.19 -5.91
CA PHE B 453 -4.27 8.53 -4.65
C PHE B 453 -5.40 9.22 -3.90
N PHE B 454 -5.19 10.46 -3.46
CA PHE B 454 -6.10 11.15 -2.57
C PHE B 454 -7.18 11.96 -3.29
N ASN B 455 -7.50 11.60 -4.53
CA ASN B 455 -8.54 12.32 -5.26
C ASN B 455 -9.91 11.80 -4.84
N VAL C . -24.15 -10.79 6.91
CA VAL C . -25.19 -11.61 7.52
C VAL C . -24.58 -12.51 8.58
O VAL C . -23.49 -12.19 9.14
CB VAL C . -25.90 -12.46 6.46
CG1 VAL C . -26.80 -11.58 5.61
CG2 VAL C . -24.86 -13.12 5.56
OXT VAL C . -25.16 -13.59 8.91
NA NA D . -29.99 -10.04 11.22
NA NA E . -22.45 -10.43 10.45
C1 BNG F . -20.79 -18.92 39.54
C2 BNG F . -19.59 -19.87 39.66
C3 BNG F . -19.61 -20.56 40.97
C4 BNG F . -19.48 -19.55 42.07
C5 BNG F . -20.64 -18.53 42.02
C6 BNG F . -20.35 -17.45 42.99
C1' BNG F . -21.72 -17.21 38.24
C2' BNG F . -21.43 -16.35 37.04
C3' BNG F . -22.74 -15.60 36.63
C4' BNG F . -22.37 -14.35 35.78
C5' BNG F . -23.65 -13.74 35.18
C6' BNG F . -23.33 -12.29 34.69
C7' BNG F . -24.66 -11.49 34.56
C8' BNG F . -24.36 -10.10 34.00
C9' BNG F . -25.67 -9.25 33.93
O1 BNG F . -20.69 -18.23 38.39
O2 BNG F . -19.63 -20.84 38.60
O3 BNG F . -18.50 -21.48 41.06
O4 BNG F . -19.52 -20.23 43.34
O5 BNG F . -20.83 -17.93 40.68
O6 BNG F . -20.90 -16.25 42.55
C1 BNG G . -2.13 -14.79 27.50
C2 BNG G . -0.72 -14.21 27.30
C3 BNG G . 0.28 -14.98 28.10
C4 BNG G . -0.08 -14.95 29.55
C5 BNG G . -1.52 -15.41 29.81
C6 BNG G . -1.85 -15.18 31.22
C1' BNG G . -3.20 -12.74 26.91
C2' BNG G . -4.61 -12.32 26.52
C3' BNG G . -5.04 -11.08 27.40
C4' BNG G . -6.28 -10.37 26.76
C5' BNG G . -7.57 -10.79 27.46
C6' BNG G . -8.60 -9.60 27.46
C7' BNG G . -9.92 -10.06 28.16
C8' BNG G . -11.07 -9.10 27.82
C9' BNG G . -12.36 -9.55 28.60
O1 BNG G . -3.04 -14.17 26.70
O2 BNG G . -0.35 -14.28 25.90
O3 BNG G . 1.60 -14.41 27.93
O4 BNG G . 0.82 -15.80 30.29
O5 BNG G . -2.52 -14.71 28.95
O6 BNG G . -0.73 -15.38 32.02
C1 BNG H . -42.77 -34.27 23.09
C2 BNG H . -42.31 -34.51 24.53
C3 BNG H . -41.47 -35.75 24.63
C4 BNG H . -42.20 -36.94 24.08
C5 BNG H . -42.66 -36.70 22.64
C6 BNG H . -43.48 -37.83 22.19
C1' BNG H . -43.86 -32.72 21.71
C2' BNG H . -45.18 -32.00 21.63
C3' BNG H . -45.14 -31.04 20.39
C4' BNG H . -46.51 -30.27 20.28
C5' BNG H . -46.50 -29.41 19.01
C6' BNG H . -47.69 -28.41 19.06
C7' BNG H . -48.99 -29.10 18.55
C8' BNG H . -50.17 -28.11 18.59
C9' BNG H . -51.26 -28.54 17.54
O1 BNG H . -43.64 -33.22 23.05
O2 BNG H . -41.52 -33.38 24.97
O3 BNG H . -41.12 -35.99 26.01
O4 BNG H . -41.29 -38.07 24.10
O5 BNG H . -43.46 -35.46 22.52
O6 BNG H . -44.28 -37.41 21.13
C1 BNG I . -36.98 -42.59 11.30
C2 BNG I . -35.85 -43.00 12.27
C3 BNG I . -35.18 -44.28 11.90
C4 BNG I . -36.17 -45.37 11.62
C5 BNG I . -37.13 -44.93 10.50
C6 BNG I . -38.06 -46.03 10.18
C1' BNG I . -38.33 -40.71 10.95
C2' BNG I . -38.01 -39.30 11.39
C3' BNG I . -38.78 -38.29 10.45
C4' BNG I . -39.10 -37.00 11.26
C5' BNG I . -40.21 -36.23 10.52
C6' BNG I . -40.79 -35.08 11.41
C7' BNG I . -41.80 -34.27 10.54
C8' BNG I . -42.49 -33.15 11.33
C9' BNG I . -43.64 -32.59 10.43
O1 BNG I . -37.74 -41.64 11.89
O2 BNG I . -34.86 -41.95 12.29
O3 BNG I . -34.32 -44.69 12.99
O4 BNG I . -35.47 -46.56 11.22
O5 BNG I . -37.88 -43.73 10.90
O6 BNG I . -38.58 -45.82 8.90
C1 BNG J . 0.71 -11.02 23.83
C2 BNG J . 1.51 -11.62 25.01
C3 BNG J . 2.97 -11.52 24.73
C4 BNG J . 3.34 -12.21 23.45
C5 BNG J . 2.45 -11.81 22.24
C6 BNG J . 2.70 -12.73 21.13
C1' BNG J . -1.16 -9.68 24.22
C2' BNG J . -2.67 -9.73 24.32
C3' BNG J . -3.30 -8.40 23.76
C4' BNG J . -4.79 -8.29 24.24
C5' BNG J . -5.57 -7.34 23.30
C6' BNG J . -6.67 -6.58 24.13
C7' BNG J . -8.00 -7.39 24.14
C8' BNG J . -9.18 -6.44 24.37
C9' BNG J . -10.53 -7.15 24.02
O1 BNG J . -0.62 -11.02 24.11
O2 BNG J . 1.18 -10.92 26.22
O3 BNG J . 3.72 -12.09 25.81
O4 BNG J . 4.71 -11.90 23.12
O5 BNG J . 1.00 -11.78 22.56
O6 BNG J . 3.04 -11.98 19.99
C1' BNG K . -20.22 8.10 13.71
C2' BNG K . -19.68 6.99 14.55
C3' BNG K . -20.82 5.95 14.90
C4' BNG K . -20.24 4.80 15.80
C5' BNG K . -18.83 4.43 15.30
C6' BNG K . -18.37 3.09 15.95
C7' BNG K . -16.87 2.82 15.55
C8' BNG K . -16.38 1.55 16.24
C9' BNG K . -15.02 1.10 15.60
O1 BNG K . -21.66 8.23 13.92
C1 BNG L . -25.30 -19.73 38.82
C2 BNG L . -26.58 -20.55 38.74
C3 BNG L . -26.44 -21.58 39.80
C4 BNG L . -25.40 -22.56 39.35
C5 BNG L . -24.04 -21.87 39.13
C6 BNG L . -23.14 -22.79 38.44
C1' BNG L . -25.36 -18.76 36.67
C2' BNG L . -25.69 -17.45 36.01
C3' BNG L . -25.89 -17.70 34.47
C4' BNG L . -25.67 -16.36 33.69
C5' BNG L . -27.00 -15.93 33.07
C6' BNG L . -26.74 -15.29 31.66
C7' BNG L . -28.08 -14.72 31.10
C8' BNG L . -28.48 -13.48 31.91
C9' BNG L . -29.68 -12.75 31.22
O1 BNG L . -25.40 -18.59 38.11
O2 BNG L . -27.74 -19.73 38.95
O3 BNG L . -27.69 -22.23 40.09
O4 BNG L . -25.27 -23.60 40.34
O5 BNG L . -24.13 -20.59 38.37
O6 BNG L . -22.38 -23.48 39.38
C1' BNG M . -39.57 -28.61 0.37
C2' BNG M . -38.52 -28.85 1.43
C3' BNG M . -38.54 -30.37 1.86
C4' BNG M . -39.71 -30.60 2.89
C5' BNG M . -39.34 -31.79 3.79
C6' BNG M . -40.60 -32.70 3.96
C7' BNG M . -40.96 -32.82 5.48
C8' BNG M . -40.57 -34.23 5.94
C9' BNG M . -40.12 -34.19 7.44
O1 BNG M . -40.01 -27.23 0.43
C1' BNG N . -15.57 3.56 -17.19
C2' BNG N . -14.09 3.82 -16.97
C3' BNG N . -13.35 2.50 -16.56
C4' BNG N . -11.92 2.49 -17.17
C5' BNG N . -10.96 1.79 -16.20
C6' BNG N . -11.36 0.28 -16.12
C7' BNG N . -10.69 -0.40 -14.88
C8' BNG N . -10.88 -1.92 -14.97
C9' BNG N . -9.68 -2.65 -14.25
O1 BNG N . -16.18 4.72 -17.79
C1' BNG O . -14.98 0.57 -20.85
C2' BNG O . -14.54 0.86 -19.43
C3' BNG O . -15.22 -0.18 -18.44
C4' BNG O . -14.29 -1.42 -18.26
C5' BNG O . -14.77 -2.22 -17.03
C6' BNG O . -13.85 -3.46 -16.83
C7' BNG O . -13.81 -3.84 -15.32
C8' BNG O . -14.84 -4.93 -15.01
C9' BNG O . -14.11 -6.14 -14.35
O1 BNG O . -14.75 1.75 -21.66
C1' BNG P . -10.13 -5.27 29.31
C2' BNG P . -11.46 -4.63 28.94
C3' BNG P . -12.09 -5.41 27.72
C4' BNG P . -13.65 -5.51 27.92
C5' BNG P . -14.28 -6.35 26.79
C6' BNG P . -15.25 -7.41 27.42
C7' BNG P . -16.14 -6.72 28.51
C8' BNG P . -17.37 -7.60 28.79
C9' BNG P . -17.07 -8.62 29.92
C1 BNG Q . -50.19 -9.92 1.11
C2 BNG Q . -50.10 -9.06 -0.17
C3 BNG Q . -51.21 -8.07 -0.24
C4 BNG Q . -52.55 -8.76 -0.17
C5 BNG Q . -52.67 -9.68 1.05
C6 BNG Q . -53.93 -10.43 0.98
C1' BNG Q . -49.34 -12.05 1.80
C2' BNG Q . -48.45 -13.07 1.12
C3' BNG Q . -48.38 -14.43 1.93
C4' BNG Q . -47.22 -15.28 1.31
C5' BNG Q . -46.98 -16.55 2.14
C6' BNG Q . -45.88 -17.42 1.45
C7' BNG Q . -46.01 -18.90 1.93
C8' BNG Q . -45.69 -19.84 0.76
C9' BNG Q . -44.33 -20.57 1.03
O1 BNG Q . -49.15 -10.79 1.11
O2 BNG Q . -48.83 -8.38 -0.20
O3 BNG Q . -51.12 -7.32 -1.47
O4 BNG Q . -53.59 -7.78 -0.13
O5 BNG Q . -51.52 -10.63 1.19
O6 BNG Q . -54.98 -9.55 1.25
C1 BNG R . -39.91 -35.34 15.88
C2 BNG R . -38.82 -36.30 15.36
C3 BNG R . -38.09 -37.01 16.46
C4 BNG R . -37.71 -36.12 17.61
C5 BNG R . -38.87 -35.24 18.07
C6 BNG R . -38.42 -34.36 19.17
C1' BNG R . -41.54 -33.78 15.32
C2' BNG R . -41.54 -32.41 14.69
C3' BNG R . -42.66 -31.54 15.38
C4' BNG R . -42.99 -30.30 14.49
C5' BNG R . -43.71 -29.25 15.37
C6' BNG R . -44.27 -28.10 14.49
C7' BNG R . -44.67 -26.89 15.39
C8' BNG R . -44.15 -25.59 14.76
C9' BNG R . -45.12 -24.40 15.09
O1 BNG R . -40.40 -34.56 14.88
O2 BNG R . -39.41 -37.28 14.50
O3 BNG R . -36.89 -37.61 15.92
O4 BNG R . -37.29 -36.95 18.71
O5 BNG R . -39.40 -34.43 16.95
O6 BNG R . -39.22 -34.60 20.30
O1' LMT S . 4.79 -18.99 3.57
C1 LMT S . 5.04 -18.01 2.56
C2 LMT S . 3.97 -18.11 1.44
C3 LMT S . 3.53 -16.67 1.02
C4 LMT S . 3.52 -15.73 2.27
C5 LMT S . 2.82 -14.40 1.87
C6 LMT S . 1.31 -14.49 2.22
C7 LMT S . 0.77 -13.07 2.52
C8 LMT S . -0.45 -12.77 1.63
C9 LMT S . -0.54 -11.25 1.41
C10 LMT S . -1.95 -10.74 1.76
C11 LMT S . -1.88 -9.28 2.23
C12 LMT S . -2.71 -8.39 1.29
O1' LMT T . -18.59 9.44 10.29
C1 LMT T . -17.39 8.69 10.10
C2 LMT T . -16.57 9.32 8.94
C3 LMT T . -15.71 8.22 8.27
C4 LMT T . -16.51 7.60 7.09
C5 LMT T . -15.85 6.27 6.63
C6 LMT T . -14.64 6.58 5.70
C7 LMT T . -13.88 5.25 5.40
C8 LMT T . -12.40 5.55 5.07
C9 LMT T . -11.55 4.30 5.37
C10 LMT T . -10.07 4.64 5.17
C11 LMT T . -9.19 3.62 5.90
C12 LMT T . -7.73 4.11 5.87
N VAL U . 24.97 11.22 -5.92
CA VAL U . 25.65 11.77 -7.10
C VAL U . 25.28 13.24 -7.26
O VAL U . 24.61 13.84 -6.37
CB VAL U . 25.26 10.99 -8.36
CG1 VAL U . 25.70 9.53 -8.21
CG2 VAL U . 23.74 11.03 -8.53
OXT VAL U . 25.64 13.88 -8.29
NA NA V . 25.47 14.47 -4.06
NA NA W . 31.58 12.28 -7.59
C1 BNG X . 17.87 37.45 7.95
C2 BNG X . 18.31 38.78 7.33
C3 BNG X . 17.70 39.89 8.13
C4 BNG X . 16.20 39.82 8.11
C5 BNG X . 15.62 38.42 8.42
C6 BNG X . 14.23 38.37 7.95
C1' BNG X . 18.73 35.30 8.30
C2' BNG X . 19.70 34.32 7.69
C3' BNG X . 21.18 34.79 7.97
C4' BNG X . 22.15 33.64 7.55
C5' BNG X . 23.62 34.12 7.65
C6' BNG X . 24.53 32.89 7.96
C7' BNG X . 25.39 32.55 6.71
C8' BNG X . 26.86 32.93 6.97
C9' BNG X . 27.74 32.49 5.75
O1 BNG X . 18.50 36.40 7.38
O2 BNG X . 19.75 38.88 7.34
O3 BNG X . 18.13 41.16 7.60
O4 BNG X . 15.68 40.76 9.07
O5 BNG X . 16.37 37.30 7.81
O6 BNG X . 14.22 38.23 6.56
C1' BNG Y . 27.70 22.50 -35.99
C2' BNG Y . 28.18 21.79 -34.74
C3' BNG Y . 29.03 20.53 -35.16
C4' BNG Y . 30.04 20.20 -34.01
C5' BNG Y . 30.78 18.88 -34.31
C6' BNG Y . 31.59 18.46 -33.03
C7' BNG Y . 32.82 17.60 -33.46
C8' BNG Y . 34.02 17.90 -32.54
C9' BNG Y . 35.28 17.12 -33.05
O1 BNG Y . 27.41 23.89 -35.67
C1' BNG Z . -1.10 19.17 2.85
C2' BNG Z . 0.40 19.23 2.96
C3' BNG Z . 0.94 17.85 3.53
C4' BNG Z . 2.46 17.71 3.22
C5' BNG Z . 2.90 16.25 3.48
C6' BNG Z . 3.84 16.23 4.73
C7' BNG Z . 4.75 14.97 4.69
C8' BNG Z . 5.52 14.86 6.01
C9' BNG Z . 6.23 13.46 6.06
O1 BNG Z . -1.45 18.26 1.78
C1 BNG AA . 15.94 33.82 10.74
C2 BNG AA . 14.44 33.93 11.04
C3 BNG AA . 13.93 35.32 11.28
C4 BNG AA . 14.89 36.23 11.98
C5 BNG AA . 16.29 36.17 11.36
C6 BNG AA . 17.18 37.09 12.10
C1' BNG AA . 17.57 32.12 10.45
C2' BNG AA . 18.35 31.27 11.41
C3' BNG AA . 19.03 30.09 10.62
C4' BNG AA . 17.97 28.96 10.40
C5' BNG AA . 18.26 28.20 9.10
C6' BNG AA . 17.11 27.21 8.78
C7' BNG AA . 17.22 26.75 7.28
C8' BNG AA . 18.63 26.20 7.00
C9' BNG AA . 18.91 24.98 7.93
O1 BNG AA . 16.35 32.57 11.11
O2 BNG AA . 13.71 33.39 9.92
O3 BNG AA . 12.72 35.22 12.08
O4 BNG AA . 14.40 37.58 11.88
O5 BNG AA . 16.82 34.80 11.45
O6 BNG AA . 16.67 38.38 12.04
C1' BNG BA . 31.96 8.40 14.79
C2' BNG BA . 31.66 9.05 13.46
C3' BNG BA . 33.00 9.60 12.83
C4' BNG BA . 32.68 10.42 11.55
C5' BNG BA . 31.71 11.56 11.89
C6' BNG BA . 32.12 12.85 11.08
C7' BNG BA . 30.90 13.35 10.24
C8' BNG BA . 30.63 14.82 10.56
C9' BNG BA . 31.17 15.72 9.40
O1 BNG BA . 31.57 9.30 15.87
C1 BNG CA . 7.98 -5.29 18.26
C2 BNG CA . 8.83 -6.32 17.49
C3 BNG CA . 9.84 -7.03 18.34
C4 BNG CA . 10.67 -6.05 19.12
C5 BNG CA . 9.76 -5.24 20.05
C6 BNG CA . 10.57 -4.32 20.86
C1' BNG CA . 6.86 -3.23 17.94
C2' BNG CA . 6.14 -2.47 16.86
C3' BNG CA . 4.77 -3.19 16.53
C4' BNG CA . 3.60 -2.18 16.75
C5' BNG CA . 2.64 -2.24 15.54
C6' BNG CA . 1.20 -1.81 15.98
C7' BNG CA . 1.26 -0.54 16.90
C8' BNG CA . 0.84 0.70 16.08
C9' BNG CA . -0.72 0.83 16.11
O1 BNG CA . 7.41 -4.45 17.36
O2 BNG CA . 7.95 -7.30 16.91
O3 BNG CA . 10.72 -7.81 17.49
O4 BNG CA . 11.65 -6.76 19.91
O5 BNG CA . 8.76 -4.47 19.27
O6 BNG CA . 9.88 -4.01 22.03
C1 BNG DA . 36.80 41.56 -2.75
C2 BNG DA . 37.81 42.69 -3.03
C3 BNG DA . 37.24 44.05 -2.86
C4 BNG DA . 35.92 44.24 -3.54
C5 BNG DA . 34.92 43.12 -3.21
C6 BNG DA . 33.72 43.29 -4.06
C1' BNG DA . 36.98 39.24 -2.30
C2' BNG DA . 37.94 38.09 -2.53
C3' BNG DA . 37.73 37.00 -1.41
C4' BNG DA . 38.69 35.77 -1.62
C5' BNG DA . 38.45 34.72 -0.51
C6' BNG DA . 39.58 33.63 -0.56
C7' BNG DA . 39.37 32.60 0.61
C8' BNG DA . 40.48 31.53 0.60
C9' BNG DA . 39.89 30.19 1.15
O1 BNG DA . 37.34 40.37 -3.14
O2 BNG DA . 38.92 42.55 -2.14
O3 BNG DA . 38.18 45.01 -3.42
O4 BNG DA . 35.36 45.50 -3.13
O5 BNG DA . 35.49 41.77 -3.45
O6 BNG DA . 33.04 44.45 -3.68
#